data_5W0Z
#
_entry.id   5W0Z
#
_cell.length_a   38.680
_cell.length_b   167.650
_cell.length_c   188.300
_cell.angle_alpha   90.00
_cell.angle_beta   90.00
_cell.angle_gamma   90.00
#
_symmetry.space_group_name_H-M   'P 21 21 21'
#
loop_
_entity.id
_entity.type
_entity.pdbx_description
1 polymer 'MBP fused activation-induced cytidine deaminase'
2 non-polymer 'ZINC ION'
#
_entity_poly.entity_id   1
_entity_poly.type   'polypeptide(L)'
_entity_poly.pdbx_seq_one_letter_code
;MKIEEGKLVIWINGDKGYNGLAEVGKKFEKDTGIKVTVEHPDKLEEKFPQVAATGDGPDIIFWAHDRFGGYAQSGLLAEI
TPAAAFQDKLYPFTWDAVRYNGKLIAYPIAVEALSLIYNKDLLPNPPKTWEEIPALDKELKAKGKSALMFNLQEPYFTWP
LIAADGGYAFKYAAGKYDIKDVGVDNAGAKAGLTFLVDLIKNKHMNADTDYSIAEAAFNKGETAMTINGPWAWSNIDTSA
VNYGVTVLPTFKGQPSKPFVGVLSAGINAASPNKELAKEFLENYLLTDEGLEAVNKDKPLGAVALKSYEEELAKDPRIAA
TMENAQKGEIMPNIPQMSAFWYAVRTAVINAASGRQTVDAALAAAQTNAAAEFMDPATFTYQFKNVRWAKGRRETYLCYV
VKRRDSATSESLDFGYLRNKNGCHVELLFLRYISDWDLDPGRCYRVTWFTSWSPCYDCARHVADFLRGNPNLSLRIFTAR
LYFCEDRKAEPEGLRRLAEAGVQIAIMTYKDYEYCWNTFVENHERTFKAWEGLHENSVRLSRQLRRILQ
;
_entity_poly.pdbx_strand_id   B,A
#
# COMPACT_ATOMS: atom_id res chain seq x y z
N ILE A 3 -7.18 -22.90 68.08
CA ILE A 3 -6.40 -24.18 68.12
C ILE A 3 -6.56 -24.88 69.48
N GLU A 4 -6.87 -26.17 69.43
CA GLU A 4 -7.10 -26.96 70.66
C GLU A 4 -5.80 -27.39 71.35
N GLU A 5 -5.96 -27.97 72.54
CA GLU A 5 -4.86 -28.55 73.29
C GLU A 5 -5.26 -29.88 73.92
N GLY A 6 -4.35 -30.84 73.91
CA GLY A 6 -4.63 -32.25 74.29
C GLY A 6 -5.42 -32.98 73.22
N LYS A 7 -5.33 -32.46 72.01
CA LYS A 7 -6.22 -32.81 70.91
C LYS A 7 -5.53 -32.42 69.61
N LEU A 8 -5.40 -33.39 68.71
CA LEU A 8 -4.76 -33.17 67.40
C LEU A 8 -5.79 -32.98 66.31
N VAL A 9 -5.47 -32.06 65.41
CA VAL A 9 -6.24 -31.79 64.21
C VAL A 9 -5.28 -31.90 63.04
N ILE A 10 -5.66 -32.72 62.06
CA ILE A 10 -4.80 -33.09 60.95
C ILE A 10 -5.46 -32.71 59.64
N TRP A 11 -4.69 -32.10 58.75
CA TRP A 11 -5.17 -31.67 57.42
C TRP A 11 -4.47 -32.42 56.30
N ILE A 12 -5.25 -33.22 55.58
CA ILE A 12 -4.77 -34.01 54.44
C ILE A 12 -5.70 -33.70 53.27
N ASN A 13 -5.14 -33.68 52.06
CA ASN A 13 -5.92 -33.43 50.84
C ASN A 13 -6.97 -34.53 50.54
N GLY A 14 -8.07 -34.12 49.92
CA GLY A 14 -9.21 -35.00 49.61
C GLY A 14 -8.92 -36.21 48.74
N ASP A 15 -7.97 -36.07 47.82
CA ASP A 15 -7.56 -37.16 46.90
C ASP A 15 -6.73 -38.26 47.57
N LYS A 16 -6.25 -38.01 48.78
CA LYS A 16 -5.44 -38.99 49.53
C LYS A 16 -6.32 -39.59 50.60
N GLY A 17 -6.12 -40.88 50.85
CA GLY A 17 -7.06 -41.69 51.64
C GLY A 17 -7.13 -41.29 53.09
N TYR A 18 -8.14 -40.48 53.43
CA TYR A 18 -8.25 -39.88 54.78
C TYR A 18 -8.86 -40.81 55.81
N ASN A 19 -9.80 -41.66 55.37
CA ASN A 19 -10.53 -42.56 56.28
C ASN A 19 -9.60 -43.57 56.96
N GLY A 20 -8.63 -44.06 56.21
CA GLY A 20 -7.54 -44.91 56.74
C GLY A 20 -6.72 -44.20 57.82
N LEU A 21 -6.35 -42.95 57.56
CA LEU A 21 -5.67 -42.08 58.54
C LEU A 21 -6.52 -41.80 59.79
N ALA A 22 -7.83 -41.67 59.60
CA ALA A 22 -8.78 -41.50 60.71
C ALA A 22 -8.91 -42.77 61.58
N GLU A 23 -8.79 -43.94 60.96
CA GLU A 23 -8.75 -45.23 61.67
C GLU A 23 -7.46 -45.38 62.48
N VAL A 24 -6.37 -44.90 61.91
CA VAL A 24 -5.08 -44.78 62.61
C VAL A 24 -5.26 -43.85 63.81
N GLY A 25 -5.86 -42.68 63.55
CA GLY A 25 -6.22 -41.73 64.62
C GLY A 25 -7.12 -42.32 65.70
N LYS A 26 -7.99 -43.23 65.30
CA LYS A 26 -8.83 -43.98 66.24
C LYS A 26 -8.05 -44.99 67.10
N LYS A 27 -7.08 -45.66 66.49
CA LYS A 27 -6.16 -46.55 67.24
C LYS A 27 -5.36 -45.74 68.27
N PHE A 28 -4.88 -44.58 67.83
CA PHE A 28 -4.18 -43.63 68.72
C PHE A 28 -5.06 -43.25 69.91
N GLU A 29 -6.25 -42.73 69.64
CA GLU A 29 -7.25 -42.42 70.69
C GLU A 29 -7.54 -43.61 71.62
N LYS A 30 -7.58 -44.81 71.05
CA LYS A 30 -7.86 -46.03 71.81
C LYS A 30 -6.77 -46.34 72.84
N ASP A 31 -5.52 -46.31 72.40
CA ASP A 31 -4.35 -46.58 73.25
C ASP A 31 -3.90 -45.39 74.10
N THR A 32 -4.34 -44.20 73.75
CA THR A 32 -3.87 -42.95 74.36
C THR A 32 -4.93 -42.25 75.19
N GLY A 33 -6.07 -41.99 74.56
CA GLY A 33 -7.15 -41.18 75.15
C GLY A 33 -7.16 -39.76 74.57
N ILE A 34 -6.15 -39.46 73.76
CA ILE A 34 -6.07 -38.19 73.05
C ILE A 34 -6.70 -38.53 71.70
N LYS A 35 -7.88 -37.96 71.49
CA LYS A 35 -8.59 -38.11 70.23
C LYS A 35 -8.00 -37.18 69.18
N VAL A 36 -8.07 -37.62 67.93
CA VAL A 36 -7.53 -36.84 66.81
C VAL A 36 -8.59 -36.75 65.71
N THR A 37 -8.71 -35.55 65.12
CA THR A 37 -9.69 -35.30 64.07
C THR A 37 -8.98 -35.07 62.72
N VAL A 38 -9.33 -35.90 61.75
CA VAL A 38 -8.77 -35.84 60.39
C VAL A 38 -9.74 -35.08 59.50
N GLU A 39 -9.27 -33.97 58.93
CA GLU A 39 -10.08 -33.09 58.08
C GLU A 39 -9.43 -32.94 56.70
N HIS A 40 -10.27 -32.71 55.69
CA HIS A 40 -9.81 -32.58 54.30
C HIS A 40 -10.45 -31.36 53.63
N PRO A 41 -10.13 -30.13 54.14
CA PRO A 41 -10.79 -28.94 53.63
C PRO A 41 -10.37 -28.57 52.22
N ASP A 42 -10.99 -27.50 51.71
CA ASP A 42 -10.84 -27.08 50.33
C ASP A 42 -9.71 -26.06 50.24
N LYS A 43 -8.85 -26.23 49.23
CA LYS A 43 -7.64 -25.41 49.03
C LYS A 43 -6.86 -25.23 50.36
N LEU A 44 -6.56 -26.35 51.01
CA LEU A 44 -5.88 -26.34 52.33
C LEU A 44 -4.42 -25.91 52.23
N GLU A 45 -3.81 -26.14 51.08
CA GLU A 45 -2.47 -25.59 50.78
C GLU A 45 -2.47 -24.05 50.73
N GLU A 46 -3.64 -23.47 50.49
CA GLU A 46 -3.84 -22.01 50.53
C GLU A 46 -4.33 -21.55 51.91
N LYS A 47 -5.34 -22.25 52.42
CA LYS A 47 -5.98 -21.96 53.71
C LYS A 47 -4.92 -21.92 54.83
N PHE A 48 -4.19 -23.02 54.98
CA PHE A 48 -3.18 -23.19 56.06
C PHE A 48 -2.18 -22.03 56.23
N PRO A 49 -1.53 -21.55 55.13
CA PRO A 49 -0.67 -20.36 55.22
C PRO A 49 -1.32 -19.12 55.83
N GLN A 50 -2.61 -18.95 55.60
CA GLN A 50 -3.36 -17.83 56.17
C GLN A 50 -3.65 -18.07 57.65
N VAL A 51 -4.31 -19.19 57.90
CA VAL A 51 -4.85 -19.56 59.22
C VAL A 51 -3.73 -19.75 60.26
N ALA A 52 -2.59 -20.29 59.80
CA ALA A 52 -1.42 -20.52 60.68
C ALA A 52 -0.78 -19.25 61.20
N ALA A 53 -0.72 -18.22 60.35
CA ALA A 53 -0.16 -16.91 60.72
C ALA A 53 -0.88 -16.25 61.92
N THR A 54 -2.17 -16.54 62.07
CA THR A 54 -2.98 -16.10 63.23
C THR A 54 -2.80 -16.98 64.50
N GLY A 55 -1.92 -17.98 64.43
CA GLY A 55 -1.72 -18.92 65.53
C GLY A 55 -2.91 -19.86 65.67
N ASP A 56 -3.30 -20.44 64.53
CA ASP A 56 -4.52 -21.24 64.40
C ASP A 56 -4.24 -22.36 63.40
N GLY A 57 -5.26 -23.14 63.06
CA GLY A 57 -5.15 -24.15 62.01
C GLY A 57 -4.99 -25.54 62.60
N PRO A 58 -4.53 -26.50 61.79
CA PRO A 58 -4.33 -27.84 62.30
C PRO A 58 -3.02 -27.95 63.04
N ASP A 59 -2.89 -29.04 63.77
CA ASP A 59 -1.65 -29.40 64.43
C ASP A 59 -0.67 -29.99 63.41
N ILE A 60 -1.18 -30.82 62.50
CA ILE A 60 -0.39 -31.45 61.41
C ILE A 60 -0.95 -31.12 60.04
N ILE A 61 -0.05 -30.98 59.06
CA ILE A 61 -0.39 -30.67 57.66
C ILE A 61 0.31 -31.66 56.73
N PHE A 62 -0.45 -32.28 55.83
CA PHE A 62 0.09 -33.20 54.83
C PHE A 62 0.06 -32.59 53.44
N TRP A 63 1.24 -32.47 52.83
CA TRP A 63 1.36 -31.96 51.47
C TRP A 63 2.70 -32.32 50.85
N ALA A 64 2.83 -32.10 49.53
CA ALA A 64 4.11 -32.20 48.83
C ALA A 64 5.16 -31.31 49.48
N HIS A 65 6.37 -31.85 49.58
CA HIS A 65 7.48 -31.19 50.28
C HIS A 65 7.88 -29.84 49.69
N ASP A 66 7.68 -29.68 48.39
CA ASP A 66 8.01 -28.43 47.68
C ASP A 66 7.28 -27.22 48.25
N ARG A 67 6.01 -27.44 48.61
CA ARG A 67 5.18 -26.38 49.15
C ARG A 67 5.65 -25.90 50.52
N PHE A 68 6.14 -26.85 51.31
CA PHE A 68 6.63 -26.58 52.68
C PHE A 68 7.81 -25.61 52.78
N GLY A 69 8.45 -25.28 51.67
CA GLY A 69 9.52 -24.27 51.65
C GLY A 69 9.05 -22.88 52.08
N GLY A 70 8.03 -22.39 51.41
CA GLY A 70 7.41 -21.09 51.76
C GLY A 70 6.77 -21.07 53.14
N TYR A 71 6.33 -22.24 53.58
CA TYR A 71 5.80 -22.44 54.93
C TYR A 71 6.91 -22.30 55.97
N ALA A 72 8.06 -22.91 55.66
CA ALA A 72 9.27 -22.83 56.49
C ALA A 72 9.83 -21.41 56.55
N GLN A 73 9.83 -20.73 55.41
CA GLN A 73 10.30 -19.33 55.32
C GLN A 73 9.44 -18.37 56.14
N SER A 74 8.12 -18.59 56.09
CA SER A 74 7.16 -17.83 56.92
C SER A 74 7.18 -18.27 58.39
N GLY A 75 7.88 -19.36 58.69
CA GLY A 75 8.12 -19.83 60.05
C GLY A 75 6.89 -20.49 60.66
N LEU A 76 6.10 -21.11 59.79
CA LEU A 76 4.84 -21.75 60.19
C LEU A 76 5.03 -23.21 60.54
N LEU A 77 6.21 -23.74 60.25
CA LEU A 77 6.52 -25.14 60.54
C LEU A 77 7.58 -25.26 61.62
N ALA A 78 7.26 -26.05 62.62
CA ALA A 78 8.17 -26.35 63.71
C ALA A 78 9.32 -27.17 63.20
N GLU A 79 10.50 -26.86 63.73
CA GLU A 79 11.69 -27.66 63.47
C GLU A 79 11.52 -28.97 64.23
N ILE A 80 11.84 -30.06 63.57
CA ILE A 80 11.87 -31.38 64.21
C ILE A 80 13.31 -31.86 64.27
N THR A 81 13.59 -32.59 65.35
CA THR A 81 14.89 -33.23 65.57
C THR A 81 14.62 -34.67 66.03
N PRO A 82 14.24 -35.55 65.10
CA PRO A 82 13.98 -36.95 65.42
C PRO A 82 15.25 -37.74 65.63
N ALA A 83 15.13 -38.74 66.49
CA ALA A 83 16.25 -39.61 66.85
C ALA A 83 16.93 -40.15 65.60
N ALA A 84 18.24 -39.96 65.50
CA ALA A 84 19.06 -40.58 64.46
C ALA A 84 18.75 -42.08 64.22
N ALA A 85 18.29 -42.76 65.27
CA ALA A 85 17.80 -44.15 65.18
C ALA A 85 16.48 -44.28 64.42
N PHE A 86 15.58 -43.32 64.64
CA PHE A 86 14.32 -43.23 63.86
C PHE A 86 14.54 -42.73 62.46
N GLN A 87 15.46 -41.76 62.29
CA GLN A 87 15.76 -41.27 60.95
C GLN A 87 15.99 -42.45 59.98
N ASP A 88 16.72 -43.46 60.46
CA ASP A 88 17.05 -44.69 59.68
C ASP A 88 15.87 -45.49 59.19
N LYS A 89 14.79 -45.52 59.98
CA LYS A 89 13.57 -46.24 59.58
C LYS A 89 13.22 -45.95 58.11
N LEU A 90 13.48 -44.72 57.69
CA LEU A 90 13.16 -44.23 56.33
C LEU A 90 14.37 -44.01 55.42
N TYR A 91 14.09 -43.88 54.12
CA TYR A 91 15.14 -43.70 53.12
C TYR A 91 15.84 -42.37 53.30
N PRO A 92 17.19 -42.34 53.27
CA PRO A 92 17.96 -41.11 53.51
C PRO A 92 17.60 -39.92 52.62
N PHE A 93 17.37 -40.22 51.34
CA PHE A 93 17.06 -39.18 50.35
C PHE A 93 15.71 -38.49 50.59
N THR A 94 14.80 -39.18 51.28
CA THR A 94 13.48 -38.61 51.63
C THR A 94 13.60 -37.53 52.71
N TRP A 95 14.62 -37.66 53.57
CA TRP A 95 14.90 -36.67 54.62
C TRP A 95 15.48 -35.36 54.08
N ASP A 96 16.01 -35.41 52.87
CA ASP A 96 16.55 -34.22 52.22
C ASP A 96 15.47 -33.37 51.57
N ALA A 97 14.31 -33.98 51.32
CA ALA A 97 13.13 -33.27 50.80
C ALA A 97 12.44 -32.41 51.86
N VAL A 98 12.52 -32.86 53.10
CA VAL A 98 11.94 -32.14 54.25
C VAL A 98 12.91 -31.18 54.94
N ARG A 99 14.11 -31.06 54.39
CA ARG A 99 15.15 -30.19 54.95
C ARG A 99 15.15 -28.81 54.29
N TYR A 100 14.82 -27.80 55.07
CA TYR A 100 14.83 -26.40 54.61
C TYR A 100 15.82 -25.55 55.39
N ASN A 101 16.73 -24.91 54.65
CA ASN A 101 17.79 -24.06 55.24
C ASN A 101 18.56 -24.76 56.37
N GLY A 102 18.86 -26.03 56.13
CA GLY A 102 19.67 -26.84 57.04
C GLY A 102 18.96 -27.27 58.31
N LYS A 103 17.68 -27.62 58.19
CA LYS A 103 16.93 -28.21 59.31
C LYS A 103 15.63 -28.86 58.86
N LEU A 104 15.16 -29.82 59.65
CA LEU A 104 14.01 -30.65 59.28
C LEU A 104 12.70 -30.02 59.73
N ILE A 105 11.84 -29.72 58.77
CA ILE A 105 10.52 -29.11 59.05
C ILE A 105 9.33 -30.08 58.96
N ALA A 106 9.61 -31.30 58.53
CA ALA A 106 8.55 -32.28 58.26
C ALA A 106 9.04 -33.72 58.27
N TYR A 107 8.08 -34.62 58.39
CA TYR A 107 8.31 -36.06 58.30
C TYR A 107 7.95 -36.56 56.91
N PRO A 108 8.86 -37.29 56.23
CA PRO A 108 8.50 -37.88 54.94
C PRO A 108 7.51 -39.04 55.08
N ILE A 109 6.57 -39.12 54.14
CA ILE A 109 5.50 -40.14 54.15
C ILE A 109 5.53 -41.01 52.88
N ALA A 110 5.26 -40.38 51.74
CA ALA A 110 5.10 -41.05 50.44
C ALA A 110 6.00 -40.43 49.36
N VAL A 111 6.10 -41.12 48.23
CA VAL A 111 6.97 -40.73 47.11
C VAL A 111 6.24 -40.85 45.77
N GLU A 112 6.22 -39.75 45.02
CA GLU A 112 5.82 -39.76 43.61
C GLU A 112 7.00 -39.42 42.69
N ALA A 113 6.97 -39.98 41.50
CA ALA A 113 7.96 -39.71 40.44
C ALA A 113 7.46 -40.27 39.12
N LEU A 114 8.02 -39.77 38.02
CA LEU A 114 7.65 -40.27 36.70
C LEU A 114 8.21 -41.66 36.46
N SER A 115 7.55 -42.37 35.55
CA SER A 115 7.93 -43.73 35.18
C SER A 115 7.56 -44.02 33.75
N LEU A 116 8.21 -45.05 33.21
CA LEU A 116 7.97 -45.46 31.83
C LEU A 116 6.85 -46.48 31.80
N ILE A 117 5.73 -46.08 31.20
CA ILE A 117 4.57 -46.96 31.03
C ILE A 117 4.58 -47.49 29.60
N TYR A 118 4.62 -48.81 29.46
CA TYR A 118 4.68 -49.46 28.14
C TYR A 118 3.53 -50.47 27.98
N ASN A 119 3.13 -50.67 26.73
CA ASN A 119 2.10 -51.65 26.37
C ASN A 119 2.69 -53.07 26.24
N LYS A 120 2.21 -53.99 27.07
CA LYS A 120 2.76 -55.36 27.16
C LYS A 120 2.54 -56.18 25.86
N ASP A 121 1.46 -55.87 25.15
CA ASP A 121 1.11 -56.56 23.90
C ASP A 121 2.04 -56.09 22.77
N LEU A 122 1.98 -54.80 22.47
CA LEU A 122 2.84 -54.16 21.44
C LEU A 122 4.32 -54.32 21.76
N LEU A 123 4.66 -54.02 23.01
CA LEU A 123 6.03 -54.18 23.53
C LEU A 123 6.13 -55.24 24.61
N PRO A 124 6.61 -56.44 24.23
CA PRO A 124 6.95 -57.42 25.27
C PRO A 124 8.16 -57.00 26.09
N ASN A 125 9.12 -56.34 25.43
CA ASN A 125 10.40 -55.96 26.03
C ASN A 125 10.70 -54.48 25.76
N PRO A 126 10.37 -53.60 26.72
CA PRO A 126 10.64 -52.17 26.53
C PRO A 126 12.14 -51.85 26.48
N PRO A 127 12.51 -50.71 25.86
CA PRO A 127 13.90 -50.35 25.69
C PRO A 127 14.51 -49.80 26.97
N LYS A 128 15.77 -50.14 27.21
CA LYS A 128 16.51 -49.63 28.35
C LYS A 128 17.24 -48.31 28.04
N THR A 129 17.27 -47.93 26.77
CA THR A 129 17.96 -46.70 26.33
C THR A 129 17.05 -45.78 25.49
N TRP A 130 17.39 -44.50 25.48
CA TRP A 130 16.70 -43.50 24.63
C TRP A 130 17.15 -43.60 23.17
N GLU A 131 18.30 -44.21 22.95
CA GLU A 131 18.89 -44.34 21.60
C GLU A 131 18.17 -45.38 20.74
N GLU A 132 17.57 -46.37 21.39
CA GLU A 132 16.72 -47.36 20.73
C GLU A 132 15.36 -46.82 20.24
N ILE A 133 14.95 -45.66 20.76
CA ILE A 133 13.58 -45.15 20.55
C ILE A 133 13.26 -44.85 19.08
N PRO A 134 14.16 -44.15 18.35
CA PRO A 134 13.92 -43.97 16.90
C PRO A 134 13.87 -45.30 16.14
N ALA A 135 14.87 -46.15 16.39
CA ALA A 135 14.96 -47.48 15.77
C ALA A 135 13.68 -48.31 15.98
N LEU A 136 13.20 -48.32 17.21
CA LEU A 136 11.94 -48.98 17.57
C LEU A 136 10.70 -48.23 17.07
N ASP A 137 10.83 -46.92 16.89
CA ASP A 137 9.70 -46.12 16.41
C ASP A 137 9.34 -46.45 14.97
N LYS A 138 10.36 -46.59 14.14
CA LYS A 138 10.21 -46.92 12.72
C LYS A 138 9.67 -48.34 12.45
N GLU A 139 9.79 -49.22 13.44
CA GLU A 139 9.23 -50.58 13.44
C GLU A 139 7.70 -50.51 13.57
N LEU A 140 7.25 -49.91 14.68
CA LEU A 140 5.82 -49.75 15.00
C LEU A 140 5.09 -48.79 14.07
N LYS A 141 5.85 -47.85 13.50
CA LYS A 141 5.33 -46.95 12.45
C LYS A 141 4.73 -47.71 11.25
N ALA A 142 5.30 -48.87 10.99
CA ALA A 142 4.83 -49.76 9.92
C ALA A 142 3.56 -50.53 10.25
N LYS A 143 3.24 -50.67 11.53
CA LYS A 143 1.97 -51.29 11.97
C LYS A 143 0.88 -50.25 12.29
N GLY A 144 1.15 -48.99 11.94
CA GLY A 144 0.21 -47.89 12.16
C GLY A 144 0.14 -47.40 13.57
N LYS A 145 1.26 -47.56 14.27
CA LYS A 145 1.39 -47.25 15.68
C LYS A 145 2.57 -46.31 15.88
N SER A 146 2.57 -45.62 17.00
CA SER A 146 3.70 -44.78 17.42
C SER A 146 4.39 -45.44 18.62
N ALA A 147 5.70 -45.23 18.73
CA ALA A 147 6.47 -45.82 19.84
C ALA A 147 6.23 -45.07 21.15
N LEU A 148 6.59 -43.80 21.16
CA LEU A 148 6.57 -43.01 22.39
C LEU A 148 5.84 -41.68 22.19
N MET A 149 4.93 -41.38 23.12
CA MET A 149 4.22 -40.10 23.16
C MET A 149 3.96 -39.68 24.60
N PHE A 150 4.28 -38.42 24.90
CA PHE A 150 4.01 -37.86 26.24
C PHE A 150 3.81 -36.33 26.22
N ASN A 151 3.71 -35.75 27.41
CA ASN A 151 3.35 -34.35 27.59
C ASN A 151 4.54 -33.44 27.28
N LEU A 152 4.81 -33.27 25.99
CA LEU A 152 6.02 -32.54 25.54
C LEU A 152 5.95 -31.05 25.84
N GLN A 153 4.75 -30.50 25.85
CA GLN A 153 4.53 -29.06 26.11
C GLN A 153 5.05 -28.51 27.46
N GLU A 154 5.14 -29.34 28.50
CA GLU A 154 5.48 -28.88 29.87
C GLU A 154 6.78 -29.53 30.45
N PRO A 155 7.63 -28.75 31.17
CA PRO A 155 8.91 -29.20 31.74
C PRO A 155 8.96 -30.43 32.64
N TYR A 156 8.04 -30.53 33.60
CA TYR A 156 8.01 -31.69 34.51
C TYR A 156 8.24 -33.03 33.80
N PHE A 157 7.66 -33.16 32.61
CA PHE A 157 7.70 -34.40 31.81
C PHE A 157 8.91 -34.50 30.91
N THR A 158 9.32 -33.38 30.33
CA THR A 158 10.44 -33.32 29.39
C THR A 158 11.79 -33.28 30.09
N TRP A 159 11.80 -32.80 31.33
CA TRP A 159 13.03 -32.58 32.10
C TRP A 159 13.89 -33.83 32.34
N PRO A 160 13.29 -34.98 32.65
CA PRO A 160 14.08 -36.19 32.90
C PRO A 160 15.06 -36.55 31.80
N LEU A 161 14.63 -36.43 30.56
CA LEU A 161 15.54 -36.63 29.42
C LEU A 161 16.66 -35.59 29.35
N ILE A 162 16.31 -34.35 29.65
CA ILE A 162 17.25 -33.21 29.62
C ILE A 162 18.33 -33.39 30.70
N ALA A 163 17.89 -33.72 31.90
CA ALA A 163 18.76 -33.81 33.08
C ALA A 163 19.68 -35.04 33.13
N ALA A 164 19.39 -36.07 32.33
CA ALA A 164 20.10 -37.35 32.43
C ALA A 164 21.61 -37.25 32.27
N ASP A 165 22.04 -36.37 31.37
CA ASP A 165 23.48 -36.11 31.15
C ASP A 165 24.06 -35.02 32.06
N GLY A 166 23.35 -34.68 33.14
CA GLY A 166 23.84 -33.75 34.17
C GLY A 166 23.20 -32.37 34.20
N GLY A 167 22.05 -32.22 33.57
CA GLY A 167 21.21 -31.04 33.79
C GLY A 167 20.68 -31.05 35.21
N TYR A 168 20.58 -29.88 35.81
CA TYR A 168 20.04 -29.72 37.17
C TYR A 168 19.40 -28.33 37.32
N ALA A 169 18.52 -28.19 38.30
CA ALA A 169 17.82 -26.92 38.54
C ALA A 169 18.66 -25.96 39.37
N PHE A 170 18.99 -26.37 40.58
CA PHE A 170 19.85 -25.60 41.50
C PHE A 170 20.66 -26.65 42.24
N LYS A 171 21.97 -26.44 42.32
CA LYS A 171 22.82 -27.45 42.96
C LYS A 171 22.61 -27.40 44.47
N TYR A 172 22.41 -28.58 45.02
CA TYR A 172 22.14 -28.74 46.42
C TYR A 172 23.51 -28.94 47.03
N ALA A 173 23.95 -27.94 47.80
CA ALA A 173 25.30 -27.93 48.37
C ALA A 173 25.42 -28.95 49.49
N ALA A 174 24.82 -28.61 50.64
CA ALA A 174 24.59 -29.56 51.71
C ALA A 174 23.64 -28.96 52.73
N GLY A 175 22.37 -29.30 52.57
CA GLY A 175 21.27 -28.73 53.37
C GLY A 175 20.74 -27.43 52.77
N LYS A 176 21.17 -27.12 51.55
CA LYS A 176 20.82 -25.85 50.93
C LYS A 176 21.05 -25.80 49.41
N TYR A 177 20.12 -25.14 48.70
CA TYR A 177 20.29 -24.81 47.28
C TYR A 177 20.78 -23.37 47.20
N ASP A 178 21.71 -23.09 46.28
CA ASP A 178 22.10 -21.69 46.00
C ASP A 178 21.39 -21.24 44.73
N ILE A 179 20.72 -20.10 44.83
CA ILE A 179 19.91 -19.56 43.74
C ILE A 179 20.85 -19.07 42.62
N LYS A 180 22.06 -18.66 43.00
CA LYS A 180 23.06 -18.16 42.04
C LYS A 180 23.44 -19.16 40.95
N ASP A 181 23.44 -20.45 41.25
CA ASP A 181 23.88 -21.47 40.25
C ASP A 181 22.73 -22.33 39.72
N VAL A 182 22.73 -22.46 38.40
CA VAL A 182 21.68 -23.16 37.68
C VAL A 182 22.36 -23.97 36.55
N GLY A 183 21.98 -25.25 36.44
CA GLY A 183 22.53 -26.17 35.40
C GLY A 183 21.66 -26.40 34.17
N VAL A 184 20.88 -25.39 33.81
CA VAL A 184 19.94 -25.44 32.66
C VAL A 184 20.66 -25.43 31.31
N ASP A 185 21.73 -24.64 31.23
CA ASP A 185 22.58 -24.50 30.03
C ASP A 185 23.89 -25.09 30.49
N ASN A 186 23.93 -26.39 30.30
CA ASN A 186 25.04 -27.26 30.62
C ASN A 186 25.07 -28.12 29.37
N ALA A 187 26.23 -28.65 29.02
CA ALA A 187 26.37 -29.45 27.79
C ALA A 187 25.43 -30.67 27.76
N GLY A 188 25.14 -31.22 28.94
CA GLY A 188 24.28 -32.40 29.08
C GLY A 188 22.80 -32.13 28.89
N ALA A 189 22.34 -31.02 29.44
CA ALA A 189 20.99 -30.51 29.15
C ALA A 189 20.81 -30.24 27.66
N LYS A 190 21.84 -29.67 27.03
CA LYS A 190 21.83 -29.44 25.57
C LYS A 190 21.77 -30.75 24.79
N ALA A 191 22.49 -31.76 25.28
CA ALA A 191 22.47 -33.11 24.69
C ALA A 191 21.07 -33.72 24.70
N GLY A 192 20.48 -33.78 25.89
CA GLY A 192 19.13 -34.32 26.07
C GLY A 192 18.08 -33.55 25.30
N LEU A 193 18.16 -32.23 25.38
CA LEU A 193 17.20 -31.37 24.71
C LEU A 193 17.28 -31.52 23.18
N THR A 194 18.51 -31.49 22.65
CA THR A 194 18.74 -31.72 21.20
C THR A 194 18.20 -33.08 20.75
N PHE A 195 18.35 -34.08 21.60
CA PHE A 195 17.82 -35.42 21.31
C PHE A 195 16.30 -35.40 21.16
N LEU A 196 15.67 -34.71 22.09
CA LEU A 196 14.22 -34.46 22.03
C LEU A 196 13.82 -33.77 20.73
N VAL A 197 14.58 -32.75 20.37
CA VAL A 197 14.39 -31.99 19.13
C VAL A 197 14.53 -32.89 17.88
N ASP A 198 15.48 -33.82 17.93
CA ASP A 198 15.68 -34.79 16.82
C ASP A 198 14.51 -35.76 16.70
N LEU A 199 14.00 -36.20 17.84
CA LEU A 199 12.79 -37.05 17.88
C LEU A 199 11.55 -36.37 17.28
N ILE A 200 11.42 -35.07 17.50
CA ILE A 200 10.30 -34.29 16.93
C ILE A 200 10.55 -33.78 15.50
N LYS A 201 11.82 -33.76 15.10
CA LYS A 201 12.21 -33.42 13.73
C LYS A 201 11.86 -34.51 12.73
N ASN A 202 12.06 -35.75 13.14
CA ASN A 202 11.73 -36.92 12.32
C ASN A 202 10.26 -37.34 12.42
N LYS A 203 9.48 -36.58 13.16
CA LYS A 203 8.13 -36.95 13.59
C LYS A 203 8.06 -38.38 14.12
N HIS A 204 8.91 -38.66 15.10
CA HIS A 204 8.70 -39.78 16.00
C HIS A 204 7.65 -39.38 17.04
N MET A 205 7.58 -38.09 17.31
CA MET A 205 6.41 -37.47 17.96
C MET A 205 6.24 -36.03 17.49
N ASN A 206 4.98 -35.61 17.42
CA ASN A 206 4.56 -34.36 16.74
C ASN A 206 5.09 -33.01 17.29
N ALA A 207 5.53 -32.98 18.55
CA ALA A 207 5.88 -31.72 19.27
C ALA A 207 4.68 -30.79 19.61
N ASP A 208 3.49 -31.17 19.17
CA ASP A 208 2.22 -30.53 19.58
C ASP A 208 1.61 -31.25 20.78
N THR A 209 2.19 -32.39 21.16
CA THR A 209 1.53 -33.33 22.09
C THR A 209 1.33 -32.71 23.47
N ASP A 210 0.19 -33.03 24.07
CA ASP A 210 -0.09 -32.68 25.47
C ASP A 210 -0.49 -33.91 26.29
N TYR A 211 -0.81 -33.67 27.57
CA TYR A 211 -1.19 -34.72 28.52
C TYR A 211 -2.39 -35.52 28.05
N SER A 212 -3.44 -34.80 27.64
CA SER A 212 -4.69 -35.40 27.19
C SER A 212 -4.54 -36.17 25.88
N ILE A 213 -3.75 -35.64 24.95
CA ILE A 213 -3.46 -36.31 23.66
C ILE A 213 -2.66 -37.59 23.87
N ALA A 214 -1.64 -37.52 24.70
CA ALA A 214 -0.81 -38.70 25.02
C ALA A 214 -1.58 -39.75 25.79
N GLU A 215 -2.43 -39.29 26.71
CA GLU A 215 -3.32 -40.19 27.48
C GLU A 215 -4.30 -40.92 26.57
N ALA A 216 -4.98 -40.15 25.71
CA ALA A 216 -5.90 -40.71 24.70
C ALA A 216 -5.19 -41.69 23.77
N ALA A 217 -4.01 -41.30 23.31
CA ALA A 217 -3.16 -42.14 22.44
C ALA A 217 -2.84 -43.50 23.07
N PHE A 218 -2.21 -43.48 24.24
CA PHE A 218 -1.82 -44.71 24.94
C PHE A 218 -3.01 -45.59 25.36
N ASN A 219 -4.02 -44.96 25.93
CA ASN A 219 -5.20 -45.69 26.45
C ASN A 219 -6.08 -46.35 25.38
N LYS A 220 -6.07 -45.77 24.18
CA LYS A 220 -6.77 -46.37 23.01
C LYS A 220 -5.88 -47.33 22.16
N GLY A 221 -4.65 -47.58 22.63
CA GLY A 221 -3.75 -48.57 22.02
C GLY A 221 -2.91 -48.08 20.84
N GLU A 222 -2.91 -46.77 20.61
CA GLU A 222 -2.22 -46.17 19.47
C GLU A 222 -0.71 -46.15 19.68
N THR A 223 -0.30 -45.61 20.82
CA THR A 223 1.12 -45.49 21.18
C THR A 223 1.52 -46.60 22.17
N ALA A 224 2.69 -47.18 21.93
CA ALA A 224 3.23 -48.27 22.76
C ALA A 224 3.74 -47.82 24.14
N MET A 225 4.39 -46.66 24.16
CA MET A 225 4.97 -46.10 25.39
C MET A 225 4.57 -44.66 25.68
N THR A 226 4.35 -44.39 26.96
CA THR A 226 4.12 -43.04 27.47
C THR A 226 4.87 -42.86 28.79
N ILE A 227 5.21 -41.60 29.09
CA ILE A 227 5.91 -41.23 30.33
C ILE A 227 4.94 -40.48 31.21
N ASN A 228 4.62 -41.06 32.37
CA ASN A 228 3.56 -40.51 33.23
C ASN A 228 3.58 -41.06 34.69
N GLY A 229 2.65 -40.57 35.51
CA GLY A 229 2.63 -40.82 36.96
C GLY A 229 1.43 -41.54 37.55
N PRO A 230 1.61 -42.19 38.73
CA PRO A 230 0.58 -42.98 39.43
C PRO A 230 -0.83 -42.40 39.38
N TRP A 231 -0.93 -41.08 39.52
CA TRP A 231 -2.20 -40.34 39.26
C TRP A 231 -3.00 -40.90 38.07
N ALA A 232 -2.29 -41.29 37.02
CA ALA A 232 -2.87 -41.79 35.76
C ALA A 232 -3.07 -43.31 35.65
N TRP A 233 -2.63 -44.06 36.66
CA TRP A 233 -2.70 -45.54 36.63
C TRP A 233 -4.14 -46.08 36.51
N SER A 234 -5.00 -45.60 37.40
CA SER A 234 -6.43 -45.99 37.47
C SER A 234 -7.20 -45.92 36.14
N ASN A 235 -6.97 -44.85 35.40
CA ASN A 235 -7.55 -44.67 34.06
C ASN A 235 -7.18 -45.82 33.13
N ILE A 236 -5.88 -46.07 33.05
CA ILE A 236 -5.30 -47.14 32.19
C ILE A 236 -5.81 -48.53 32.66
N ASP A 237 -6.02 -48.67 33.96
CA ASP A 237 -6.64 -49.89 34.54
C ASP A 237 -8.06 -50.14 34.00
N THR A 238 -8.85 -49.06 33.93
CA THR A 238 -10.20 -49.09 33.35
C THR A 238 -10.23 -49.03 31.81
N SER A 239 -9.07 -48.79 31.18
CA SER A 239 -8.92 -48.85 29.71
C SER A 239 -8.79 -50.27 29.14
N ALA A 240 -8.77 -51.27 30.03
CA ALA A 240 -8.63 -52.70 29.67
C ALA A 240 -7.30 -53.04 28.99
N VAL A 241 -6.38 -52.08 28.97
CA VAL A 241 -5.11 -52.26 28.27
C VAL A 241 -4.18 -53.06 29.16
N ASN A 242 -3.45 -53.99 28.55
CA ASN A 242 -2.40 -54.73 29.25
C ASN A 242 -1.11 -53.93 29.16
N TYR A 243 -0.64 -53.46 30.31
CA TYR A 243 0.52 -52.57 30.39
C TYR A 243 1.51 -53.02 31.47
N GLY A 244 2.64 -52.32 31.52
CA GLY A 244 3.64 -52.47 32.59
C GLY A 244 4.30 -51.13 32.88
N VAL A 245 4.82 -51.00 34.10
CA VAL A 245 5.51 -49.78 34.54
C VAL A 245 6.95 -50.13 34.89
N THR A 246 7.88 -49.33 34.37
CA THR A 246 9.30 -49.64 34.50
C THR A 246 10.20 -48.40 34.56
N VAL A 247 11.51 -48.67 34.59
CA VAL A 247 12.55 -47.64 34.72
C VAL A 247 12.57 -46.81 33.45
N LEU A 248 12.76 -45.50 33.59
CA LEU A 248 12.93 -44.62 32.43
C LEU A 248 14.19 -45.01 31.64
N PRO A 249 14.16 -44.84 30.32
CA PRO A 249 15.33 -45.18 29.53
C PRO A 249 16.52 -44.29 29.83
N THR A 250 17.70 -44.83 29.59
CA THR A 250 18.97 -44.17 29.91
C THR A 250 19.55 -43.48 28.69
N PHE A 251 19.76 -42.17 28.82
CA PHE A 251 20.37 -41.37 27.76
C PHE A 251 21.87 -41.25 28.04
N LYS A 252 22.69 -41.50 27.01
CA LYS A 252 24.16 -41.55 27.15
C LYS A 252 24.64 -42.51 28.26
N GLY A 253 23.87 -43.57 28.47
CA GLY A 253 24.13 -44.52 29.57
C GLY A 253 23.79 -44.07 30.98
N GLN A 254 23.48 -42.79 31.16
CA GLN A 254 23.17 -42.24 32.49
C GLN A 254 21.65 -42.19 32.65
N PRO A 255 21.14 -42.66 33.81
CA PRO A 255 19.68 -42.68 34.01
C PRO A 255 19.03 -41.31 33.94
N SER A 256 17.78 -41.30 33.49
CA SER A 256 17.00 -40.07 33.41
C SER A 256 16.55 -39.71 34.82
N LYS A 257 16.42 -38.41 35.05
CA LYS A 257 16.15 -37.87 36.38
C LYS A 257 14.80 -37.20 36.41
N PRO A 258 13.77 -37.91 36.87
CA PRO A 258 12.50 -37.23 37.09
C PRO A 258 12.61 -36.27 38.26
N PHE A 259 11.51 -35.61 38.58
CA PHE A 259 11.45 -34.82 39.78
C PHE A 259 10.70 -35.59 40.86
N VAL A 260 11.40 -35.96 41.92
CA VAL A 260 10.77 -36.69 43.01
C VAL A 260 9.96 -35.73 43.88
N GLY A 261 8.67 -36.01 43.96
CA GLY A 261 7.78 -35.38 44.94
C GLY A 261 7.66 -36.29 46.15
N VAL A 262 7.42 -35.70 47.31
CA VAL A 262 7.43 -36.39 48.60
C VAL A 262 6.30 -35.86 49.46
N LEU A 263 5.29 -36.69 49.64
CA LEU A 263 4.21 -36.35 50.54
C LEU A 263 4.81 -36.36 51.93
N SER A 264 4.59 -35.27 52.64
CA SER A 264 5.20 -35.07 53.94
C SER A 264 4.18 -34.56 54.93
N ALA A 265 4.33 -34.99 56.17
CA ALA A 265 3.58 -34.45 57.30
C ALA A 265 4.47 -33.46 58.05
N GLY A 266 3.93 -32.27 58.29
CA GLY A 266 4.64 -31.18 58.98
C GLY A 266 3.84 -30.70 60.17
N ILE A 267 4.53 -30.22 61.19
CA ILE A 267 3.87 -29.79 62.42
C ILE A 267 3.76 -28.28 62.42
N ASN A 268 2.55 -27.79 62.66
CA ASN A 268 2.32 -26.35 62.79
C ASN A 268 3.12 -25.79 63.97
N ALA A 269 3.91 -24.77 63.71
CA ALA A 269 4.75 -24.13 64.74
C ALA A 269 3.92 -23.49 65.86
N ALA A 270 2.72 -23.05 65.52
CA ALA A 270 1.76 -22.52 66.51
C ALA A 270 1.15 -23.56 67.47
N SER A 271 1.33 -24.85 67.16
CA SER A 271 0.69 -25.92 67.94
C SER A 271 1.36 -26.15 69.29
N PRO A 272 0.58 -26.20 70.38
CA PRO A 272 1.11 -26.67 71.67
C PRO A 272 1.33 -28.18 71.72
N ASN A 273 0.68 -28.88 70.79
CA ASN A 273 0.69 -30.35 70.74
C ASN A 273 1.86 -30.96 69.94
N LYS A 274 2.92 -30.18 69.71
CA LYS A 274 4.10 -30.63 68.95
C LYS A 274 4.58 -32.02 69.32
N GLU A 275 4.76 -32.25 70.61
CA GLU A 275 5.24 -33.56 71.08
C GLU A 275 4.20 -34.67 70.86
N LEU A 276 2.93 -34.38 71.14
CA LEU A 276 1.83 -35.31 70.81
C LEU A 276 1.83 -35.72 69.34
N ALA A 277 2.01 -34.72 68.49
CA ALA A 277 2.07 -34.90 67.04
C ALA A 277 3.21 -35.84 66.66
N LYS A 278 4.39 -35.58 67.22
CA LYS A 278 5.59 -36.41 66.96
C LYS A 278 5.37 -37.86 67.39
N GLU A 279 4.75 -38.04 68.57
CA GLU A 279 4.42 -39.36 69.11
C GLU A 279 3.52 -40.14 68.15
N PHE A 280 2.46 -39.46 67.74
CA PHE A 280 1.49 -40.01 66.80
C PHE A 280 2.12 -40.36 65.44
N LEU A 281 2.90 -39.45 64.90
CA LEU A 281 3.46 -39.64 63.55
C LEU A 281 4.47 -40.77 63.51
N GLU A 282 5.33 -40.81 64.52
CA GLU A 282 6.41 -41.78 64.58
C GLU A 282 5.92 -43.16 64.96
N ASN A 283 5.20 -43.23 66.07
CA ASN A 283 4.82 -44.53 66.66
C ASN A 283 3.55 -45.17 66.08
N TYR A 284 2.76 -44.38 65.35
CA TYR A 284 1.48 -44.86 64.81
C TYR A 284 1.38 -44.76 63.29
N LEU A 285 1.46 -43.53 62.77
CA LEU A 285 1.34 -43.32 61.33
C LEU A 285 2.44 -44.02 60.55
N LEU A 286 3.69 -43.70 60.89
CA LEU A 286 4.85 -44.26 60.19
C LEU A 286 5.23 -45.62 60.75
N THR A 287 4.40 -46.60 60.40
CA THR A 287 4.59 -47.99 60.77
C THR A 287 4.06 -48.81 59.62
N ASP A 288 4.38 -50.09 59.58
CA ASP A 288 3.77 -50.98 58.59
C ASP A 288 2.24 -50.96 58.72
N GLU A 289 1.76 -50.98 59.96
CA GLU A 289 0.32 -51.08 60.27
C GLU A 289 -0.42 -49.83 59.81
N GLY A 290 0.10 -48.68 60.22
CA GLY A 290 -0.52 -47.38 59.93
C GLY A 290 -0.54 -47.05 58.45
N LEU A 291 0.62 -47.17 57.82
CA LEU A 291 0.76 -46.93 56.36
C LEU A 291 -0.05 -47.92 55.51
N GLU A 292 -0.20 -49.16 56.00
CA GLU A 292 -1.05 -50.17 55.33
C GLU A 292 -2.52 -49.78 55.39
N ALA A 293 -2.99 -49.48 56.60
CA ALA A 293 -4.35 -48.98 56.83
C ALA A 293 -4.71 -47.75 55.99
N VAL A 294 -3.75 -46.83 55.85
CA VAL A 294 -3.90 -45.65 54.97
C VAL A 294 -3.97 -46.06 53.50
N ASN A 295 -3.02 -46.91 53.10
CA ASN A 295 -2.89 -47.37 51.70
C ASN A 295 -4.10 -48.11 51.16
N LYS A 296 -4.78 -48.82 52.06
CA LYS A 296 -6.04 -49.52 51.72
C LYS A 296 -7.11 -48.56 51.21
N ASP A 297 -7.27 -47.44 51.90
CA ASP A 297 -8.28 -46.44 51.53
C ASP A 297 -8.00 -45.84 50.17
N LYS A 298 -6.75 -45.42 49.93
CA LYS A 298 -6.31 -44.90 48.63
C LYS A 298 -4.80 -45.08 48.48
N PRO A 299 -4.32 -45.44 47.27
CA PRO A 299 -2.90 -45.76 47.12
C PRO A 299 -1.95 -44.60 47.44
N LEU A 300 -0.84 -44.92 48.09
CA LEU A 300 0.22 -43.94 48.39
C LEU A 300 1.38 -44.04 47.41
N GLY A 301 1.31 -45.02 46.50
CA GLY A 301 2.43 -45.35 45.64
C GLY A 301 3.58 -45.85 46.49
N ALA A 302 4.80 -45.39 46.16
CA ALA A 302 5.99 -45.70 46.96
C ALA A 302 5.98 -44.88 48.25
N VAL A 303 6.52 -45.49 49.32
CA VAL A 303 6.58 -44.86 50.66
C VAL A 303 8.00 -44.73 51.21
N ALA A 304 8.16 -43.82 52.17
CA ALA A 304 9.46 -43.52 52.78
C ALA A 304 9.93 -44.59 53.76
N LEU A 305 8.97 -45.23 54.42
CA LEU A 305 9.28 -46.29 55.40
C LEU A 305 9.79 -47.56 54.73
N LYS A 306 11.03 -47.93 55.04
CA LYS A 306 11.73 -49.04 54.38
C LYS A 306 11.00 -50.37 54.50
N SER A 307 10.51 -50.63 55.71
CA SER A 307 9.86 -51.92 56.04
C SER A 307 8.61 -52.15 55.20
N TYR A 308 7.74 -51.15 55.13
CA TYR A 308 6.51 -51.22 54.33
C TYR A 308 6.76 -51.10 52.83
N GLU A 309 7.86 -50.42 52.49
CA GLU A 309 8.26 -50.20 51.10
C GLU A 309 8.92 -51.42 50.46
N GLU A 310 9.47 -52.31 51.27
CA GLU A 310 9.91 -53.61 50.76
C GLU A 310 8.69 -54.46 50.37
N GLU A 311 7.64 -54.41 51.19
CA GLU A 311 6.39 -55.16 50.92
C GLU A 311 5.62 -54.61 49.71
N LEU A 312 5.43 -53.30 49.66
CA LEU A 312 4.85 -52.63 48.47
C LEU A 312 5.69 -52.83 47.20
N ALA A 313 7.00 -53.02 47.36
CA ALA A 313 7.93 -53.34 46.24
C ALA A 313 7.70 -54.70 45.58
N LYS A 314 6.99 -55.60 46.26
CA LYS A 314 6.51 -56.86 45.65
C LYS A 314 5.68 -56.58 44.38
N ASP A 315 5.03 -55.42 44.35
CA ASP A 315 4.45 -54.85 43.11
C ASP A 315 5.57 -54.18 42.30
N PRO A 316 5.83 -54.66 41.06
CA PRO A 316 6.90 -54.08 40.23
C PRO A 316 6.66 -52.64 39.76
N ARG A 317 5.40 -52.21 39.73
CA ARG A 317 5.04 -50.83 39.36
C ARG A 317 5.55 -49.83 40.39
N ILE A 318 5.17 -50.07 41.65
CA ILE A 318 5.63 -49.27 42.78
C ILE A 318 7.16 -49.34 42.90
N ALA A 319 7.72 -50.53 42.71
CA ALA A 319 9.18 -50.73 42.69
C ALA A 319 9.87 -49.85 41.63
N ALA A 320 9.25 -49.78 40.46
CA ALA A 320 9.72 -48.93 39.36
C ALA A 320 9.65 -47.45 39.71
N THR A 321 8.56 -47.05 40.35
CA THR A 321 8.38 -45.66 40.84
C THR A 321 9.51 -45.26 41.77
N MET A 322 9.74 -46.09 42.78
CA MET A 322 10.83 -45.90 43.74
C MET A 322 12.20 -45.90 43.06
N GLU A 323 12.40 -46.80 42.10
CA GLU A 323 13.68 -46.89 41.36
C GLU A 323 14.00 -45.58 40.66
N ASN A 324 13.05 -45.11 39.87
CA ASN A 324 13.16 -43.81 39.19
C ASN A 324 13.32 -42.62 40.15
N ALA A 325 12.66 -42.70 41.29
CA ALA A 325 12.80 -41.68 42.35
C ALA A 325 14.25 -41.57 42.82
N GLN A 326 14.83 -42.71 43.16
CA GLN A 326 16.24 -42.77 43.60
C GLN A 326 17.22 -42.35 42.48
N LYS A 327 16.84 -42.61 41.24
CA LYS A 327 17.58 -42.13 40.07
C LYS A 327 17.38 -40.62 39.84
N GLY A 328 16.23 -40.12 40.29
CA GLY A 328 15.83 -38.72 40.08
C GLY A 328 16.46 -37.71 41.00
N GLU A 329 15.83 -36.54 41.06
CA GLU A 329 16.30 -35.43 41.88
C GLU A 329 15.11 -34.83 42.63
N ILE A 330 15.35 -34.50 43.89
CA ILE A 330 14.33 -33.97 44.78
C ILE A 330 13.86 -32.62 44.24
N MET A 331 12.53 -32.44 44.17
CA MET A 331 11.93 -31.16 43.79
C MET A 331 12.37 -30.06 44.78
N PRO A 332 13.12 -29.06 44.30
CA PRO A 332 13.49 -27.98 45.20
C PRO A 332 12.30 -27.20 45.76
N ASN A 333 12.35 -26.90 47.05
CA ASN A 333 11.28 -26.17 47.76
C ASN A 333 11.46 -24.63 47.82
N ILE A 334 12.57 -24.14 47.28
CA ILE A 334 12.89 -22.69 47.28
C ILE A 334 12.00 -21.87 46.31
N PRO A 335 11.79 -20.56 46.59
CA PRO A 335 10.86 -19.76 45.77
C PRO A 335 11.27 -19.52 44.32
N GLN A 336 12.57 -19.48 44.06
CA GLN A 336 13.08 -19.23 42.69
C GLN A 336 12.68 -20.34 41.69
N MET A 337 12.20 -21.46 42.21
CA MET A 337 11.55 -22.49 41.37
C MET A 337 10.46 -21.94 40.45
N SER A 338 9.72 -20.92 40.91
CA SER A 338 8.71 -20.22 40.06
C SER A 338 9.34 -19.72 38.78
N ALA A 339 10.49 -19.06 38.94
CA ALA A 339 11.29 -18.55 37.82
C ALA A 339 11.84 -19.67 36.96
N PHE A 340 12.22 -20.79 37.57
CA PHE A 340 12.69 -21.99 36.85
C PHE A 340 11.66 -22.46 35.82
N TRP A 341 10.51 -22.91 36.32
CA TRP A 341 9.45 -23.47 35.46
C TRP A 341 9.15 -22.59 34.26
N TYR A 342 8.72 -21.37 34.55
CA TYR A 342 8.30 -20.43 33.51
C TYR A 342 9.41 -20.11 32.49
N ALA A 343 10.66 -20.08 32.95
CA ALA A 343 11.82 -19.87 32.07
C ALA A 343 12.21 -21.10 31.24
N VAL A 344 11.92 -22.28 31.76
CA VAL A 344 12.19 -23.54 31.05
C VAL A 344 11.03 -23.86 30.10
N ARG A 345 9.82 -23.84 30.66
CA ARG A 345 8.56 -24.11 29.93
C ARG A 345 8.51 -23.48 28.55
N THR A 346 8.79 -22.18 28.52
CA THR A 346 8.78 -21.42 27.26
C THR A 346 10.00 -21.72 26.38
N ALA A 347 11.14 -22.03 26.99
CA ALA A 347 12.38 -22.36 26.25
C ALA A 347 12.25 -23.63 25.40
N VAL A 348 11.95 -24.75 26.06
CA VAL A 348 11.73 -26.05 25.38
C VAL A 348 10.71 -25.94 24.21
N ILE A 349 9.61 -25.21 24.43
CA ILE A 349 8.60 -24.94 23.39
C ILE A 349 9.22 -24.27 22.17
N ASN A 350 9.98 -23.22 22.42
CA ASN A 350 10.69 -22.49 21.36
C ASN A 350 11.82 -23.30 20.71
N ALA A 351 12.37 -24.25 21.47
CA ALA A 351 13.32 -25.23 20.92
C ALA A 351 12.59 -26.36 20.17
N ALA A 352 11.32 -26.56 20.49
CA ALA A 352 10.48 -27.62 19.91
C ALA A 352 9.99 -27.24 18.52
N SER A 353 9.24 -26.14 18.46
CA SER A 353 8.75 -25.59 17.19
C SER A 353 9.90 -25.21 16.25
N GLY A 354 11.04 -24.83 16.85
CA GLY A 354 12.23 -24.40 16.12
C GLY A 354 12.26 -22.90 15.92
N ARG A 355 11.43 -22.19 16.69
CA ARG A 355 11.35 -20.70 16.66
C ARG A 355 12.58 -20.01 17.26
N GLN A 356 13.44 -20.81 17.86
CA GLN A 356 14.83 -20.47 18.08
C GLN A 356 15.63 -21.77 18.20
N THR A 357 16.94 -21.63 18.30
CA THR A 357 17.84 -22.80 18.35
C THR A 357 17.99 -23.31 19.78
N VAL A 358 18.72 -24.40 19.93
CA VAL A 358 18.88 -25.07 21.24
C VAL A 358 19.65 -24.21 22.24
N ASP A 359 20.84 -23.78 21.84
CA ASP A 359 21.72 -22.99 22.72
C ASP A 359 21.16 -21.61 23.03
N ALA A 360 20.43 -21.05 22.08
CA ALA A 360 19.76 -19.76 22.26
C ALA A 360 18.67 -19.86 23.33
N ALA A 361 17.80 -20.86 23.18
CA ALA A 361 16.71 -21.12 24.12
C ALA A 361 17.22 -21.48 25.52
N LEU A 362 18.24 -22.33 25.58
CA LEU A 362 18.81 -22.78 26.85
C LEU A 362 19.67 -21.75 27.56
N ALA A 363 20.38 -20.92 26.80
CA ALA A 363 21.09 -19.75 27.39
C ALA A 363 20.09 -18.70 27.93
N ALA A 364 19.06 -18.43 27.15
CA ALA A 364 17.97 -17.52 27.54
C ALA A 364 17.31 -17.96 28.85
N ALA A 365 16.94 -19.23 28.89
CA ALA A 365 16.39 -19.88 30.09
C ALA A 365 17.39 -19.91 31.26
N GLN A 366 18.65 -20.20 30.95
CA GLN A 366 19.73 -20.28 31.96
C GLN A 366 19.84 -18.98 32.75
N THR A 367 19.90 -17.87 32.02
CA THR A 367 20.07 -16.55 32.62
C THR A 367 18.78 -15.90 33.15
N ASN A 368 17.63 -16.31 32.60
CA ASN A 368 16.32 -15.79 33.05
C ASN A 368 15.96 -16.32 34.44
N ALA A 369 16.18 -17.62 34.63
CA ALA A 369 16.05 -18.27 35.93
C ALA A 369 17.44 -18.48 36.52
N ALA A 370 17.89 -17.43 37.20
CA ALA A 370 19.18 -17.40 37.88
C ALA A 370 19.23 -16.09 38.62
N ALA A 371 20.00 -16.06 39.69
CA ALA A 371 20.04 -14.91 40.58
C ALA A 371 21.19 -13.99 40.20
N GLU A 372 20.87 -12.76 39.79
CA GLU A 372 21.88 -11.70 39.77
C GLU A 372 21.50 -10.67 40.81
N PHE A 373 22.33 -10.54 41.85
CA PHE A 373 22.10 -9.58 42.91
C PHE A 373 23.04 -8.40 42.78
N MET A 374 22.69 -7.28 43.39
CA MET A 374 23.38 -6.02 43.18
C MET A 374 24.39 -5.75 44.24
N ASP A 375 25.50 -5.14 43.86
CA ASP A 375 26.60 -4.89 44.80
C ASP A 375 26.09 -4.02 45.96
N PRO A 376 26.52 -4.31 47.21
CA PRO A 376 26.02 -3.54 48.37
C PRO A 376 26.34 -2.06 48.30
N ALA A 377 27.59 -1.76 48.00
CA ALA A 377 28.07 -0.38 47.91
C ALA A 377 27.41 0.36 46.74
N THR A 378 27.22 -0.35 45.63
CA THR A 378 26.51 0.20 44.47
C THR A 378 25.07 0.56 44.85
N PHE A 379 24.38 -0.37 45.53
CA PHE A 379 23.01 -0.10 46.02
C PHE A 379 22.97 1.08 46.98
N THR A 380 23.87 1.06 47.95
CA THR A 380 23.97 2.12 48.96
C THR A 380 24.21 3.49 48.31
N TYR A 381 25.09 3.52 47.32
CA TYR A 381 25.44 4.75 46.59
C TYR A 381 24.32 5.23 45.68
N GLN A 382 23.67 4.31 44.98
CA GLN A 382 22.68 4.67 43.95
C GLN A 382 21.30 5.01 44.53
N PHE A 383 20.90 4.37 45.62
CA PHE A 383 19.53 4.54 46.14
C PHE A 383 19.35 5.56 47.27
N LYS A 384 20.40 6.29 47.65
CA LYS A 384 20.27 7.34 48.67
C LYS A 384 19.33 8.46 48.23
N ASN A 385 18.25 8.67 48.97
CA ASN A 385 17.38 9.85 48.77
C ASN A 385 17.74 11.00 49.72
N VAL A 386 18.53 11.93 49.20
CA VAL A 386 18.93 13.14 49.92
C VAL A 386 18.91 14.33 48.96
N ARG A 387 19.13 15.52 49.53
CA ARG A 387 19.53 16.69 48.75
C ARG A 387 20.97 16.42 48.29
N TRP A 388 21.51 17.24 47.38
CA TRP A 388 22.86 17.00 46.76
C TRP A 388 23.07 15.61 46.10
N ALA A 389 21.99 14.84 45.95
CA ALA A 389 22.01 13.55 45.24
C ALA A 389 21.63 13.75 43.76
N LYS A 390 21.43 15.01 43.37
CA LYS A 390 21.35 15.41 41.95
C LYS A 390 22.62 15.08 41.14
N GLY A 391 23.75 14.95 41.83
CA GLY A 391 25.04 14.61 41.19
C GLY A 391 25.10 13.27 40.48
N ARG A 392 24.49 12.25 41.07
CA ARG A 392 24.56 10.87 40.56
C ARG A 392 23.85 10.66 39.24
N ARG A 393 24.59 10.17 38.25
CA ARG A 393 24.02 9.91 36.93
C ARG A 393 23.29 8.57 37.06
N GLU A 394 22.90 8.01 35.92
CA GLU A 394 22.72 6.56 35.79
C GLU A 394 21.68 5.91 36.70
N THR A 395 20.40 6.07 36.36
CA THR A 395 19.30 5.42 37.09
C THR A 395 19.46 3.89 37.18
N TYR A 396 19.05 3.34 38.33
CA TYR A 396 18.95 1.90 38.59
C TYR A 396 17.50 1.50 38.81
N LEU A 397 17.20 0.26 38.47
CA LEU A 397 15.84 -0.27 38.54
C LEU A 397 15.85 -1.72 38.98
N CYS A 398 15.30 -1.96 40.16
CA CYS A 398 15.06 -3.33 40.65
C CYS A 398 13.63 -3.71 40.31
N TYR A 399 13.45 -4.91 39.77
CA TYR A 399 12.14 -5.31 39.26
C TYR A 399 11.70 -6.67 39.81
N VAL A 400 10.40 -6.77 40.03
CA VAL A 400 9.73 -8.03 40.33
C VAL A 400 8.49 -8.23 39.44
N VAL A 401 8.46 -9.37 38.75
CA VAL A 401 7.35 -9.78 37.90
C VAL A 401 6.46 -10.77 38.65
N LYS A 402 5.28 -10.33 39.04
CA LYS A 402 4.32 -11.14 39.80
C LYS A 402 3.10 -11.48 38.92
N ARG A 403 2.14 -12.21 39.49
CA ARG A 403 0.90 -12.58 38.81
C ARG A 403 -0.30 -12.46 39.76
N SER A 409 -0.89 -12.94 44.22
CA SER A 409 0.47 -13.41 43.91
C SER A 409 0.44 -14.87 43.46
N GLU A 410 1.26 -15.18 42.46
CA GLU A 410 1.40 -16.58 41.97
C GLU A 410 2.87 -16.96 41.72
N SER A 411 3.47 -16.30 40.73
CA SER A 411 4.83 -16.62 40.28
C SER A 411 5.73 -15.38 40.29
N LEU A 412 7.02 -15.60 40.09
CA LEU A 412 8.03 -14.56 40.29
C LEU A 412 9.09 -14.50 39.19
N ASP A 413 9.65 -13.30 39.02
CA ASP A 413 11.00 -13.11 38.49
C ASP A 413 11.60 -11.84 39.08
N PHE A 414 12.84 -11.94 39.57
CA PHE A 414 13.53 -10.81 40.20
C PHE A 414 14.73 -10.40 39.36
N GLY A 415 15.16 -9.17 39.59
CA GLY A 415 16.40 -8.69 39.00
C GLY A 415 16.58 -7.20 39.13
N TYR A 416 17.64 -6.71 38.49
CA TYR A 416 17.91 -5.29 38.41
C TYR A 416 18.54 -4.92 37.07
N LEU A 417 18.26 -3.68 36.65
CA LEU A 417 18.81 -3.09 35.43
C LEU A 417 19.44 -1.73 35.72
N ARG A 418 20.43 -1.38 34.91
CA ARG A 418 21.03 -0.03 34.92
C ARG A 418 21.12 0.56 33.51
N ASN A 419 21.40 1.85 33.45
CA ASN A 419 21.60 2.56 32.17
C ASN A 419 22.77 1.95 31.38
N LYS A 420 22.48 1.53 30.16
CA LYS A 420 23.50 1.13 29.17
C LYS A 420 23.90 2.34 28.30
N ASN A 421 24.51 2.11 27.13
CA ASN A 421 24.74 3.16 26.14
C ASN A 421 23.41 3.65 25.62
N GLY A 422 23.10 4.92 25.89
CA GLY A 422 21.74 5.44 25.75
C GLY A 422 20.78 4.66 26.63
N CYS A 423 19.54 4.55 26.17
CA CYS A 423 18.56 3.60 26.73
C CYS A 423 18.34 3.73 28.24
N HIS A 424 17.62 4.79 28.58
CA HIS A 424 17.12 4.97 29.95
C HIS A 424 16.49 3.66 30.43
N VAL A 425 16.75 3.30 31.68
CA VAL A 425 16.40 1.95 32.22
C VAL A 425 14.96 1.48 32.01
N GLU A 426 14.05 2.44 31.93
CA GLU A 426 12.62 2.16 31.77
C GLU A 426 12.43 1.56 30.37
N LEU A 427 13.07 2.21 29.40
CA LEU A 427 13.09 1.74 28.00
C LEU A 427 13.77 0.36 27.87
N LEU A 428 14.86 0.16 28.60
CA LEU A 428 15.54 -1.13 28.66
C LEU A 428 14.62 -2.23 29.21
N PHE A 429 13.88 -1.88 30.25
CA PHE A 429 12.92 -2.80 30.88
C PHE A 429 11.82 -3.18 29.93
N LEU A 430 11.25 -2.17 29.28
CA LEU A 430 10.22 -2.38 28.26
C LEU A 430 10.73 -3.34 27.17
N ARG A 431 11.95 -3.10 26.69
CA ARG A 431 12.66 -4.01 25.76
C ARG A 431 12.90 -5.42 26.31
N TYR A 432 13.21 -5.50 27.61
CA TYR A 432 13.40 -6.79 28.29
C TYR A 432 12.13 -7.61 28.37
N ILE A 433 11.06 -6.97 28.83
CA ILE A 433 9.75 -7.62 28.97
C ILE A 433 9.04 -7.86 27.62
N SER A 434 9.25 -6.97 26.67
CA SER A 434 8.70 -7.11 25.29
C SER A 434 9.18 -8.36 24.54
N ASP A 435 10.49 -8.63 24.64
CA ASP A 435 11.08 -9.92 24.20
C ASP A 435 10.37 -11.08 24.87
N TRP A 436 9.96 -10.84 26.10
CA TRP A 436 9.19 -11.80 26.88
C TRP A 436 7.73 -11.78 26.44
N ASP A 437 7.30 -12.89 25.85
CA ASP A 437 5.91 -13.05 25.42
C ASP A 437 5.00 -13.01 26.62
N LEU A 438 3.70 -12.90 26.35
CA LEU A 438 2.72 -12.79 27.40
C LEU A 438 1.37 -13.23 26.87
N ASP A 439 0.59 -13.85 27.73
CA ASP A 439 -0.76 -14.27 27.41
C ASP A 439 -1.70 -13.12 27.79
N PRO A 440 -2.35 -12.48 26.80
CA PRO A 440 -3.35 -11.46 27.14
C PRO A 440 -4.56 -11.97 27.93
N GLY A 441 -4.78 -13.29 27.91
CA GLY A 441 -5.74 -13.94 28.82
C GLY A 441 -5.35 -13.82 30.29
N ARG A 442 -4.07 -14.05 30.57
CA ARG A 442 -3.52 -13.97 31.92
C ARG A 442 -3.22 -12.53 32.35
N CYS A 443 -3.13 -12.33 33.68
CA CYS A 443 -2.80 -11.03 34.26
C CYS A 443 -1.49 -11.07 35.05
N TYR A 444 -0.66 -10.05 34.85
CA TYR A 444 0.67 -9.95 35.46
C TYR A 444 0.74 -8.64 36.28
N ARG A 445 1.54 -8.65 37.36
CA ARG A 445 1.71 -7.49 38.27
C ARG A 445 3.19 -7.16 38.50
N VAL A 446 3.62 -6.04 37.95
CA VAL A 446 5.05 -5.67 37.91
C VAL A 446 5.32 -4.57 38.93
N THR A 447 6.40 -4.74 39.69
CA THR A 447 6.82 -3.76 40.72
C THR A 447 8.24 -3.27 40.45
N TRP A 448 8.40 -1.96 40.57
CA TRP A 448 9.66 -1.28 40.30
C TRP A 448 10.19 -0.64 41.57
N PHE A 449 11.50 -0.64 41.72
CA PHE A 449 12.21 0.18 42.71
C PHE A 449 13.32 0.94 41.99
N THR A 450 13.18 2.26 41.90
CA THR A 450 14.08 3.05 41.06
C THR A 450 14.84 4.12 41.85
N SER A 451 16.06 4.39 41.41
CA SER A 451 16.89 5.50 41.96
C SER A 451 16.14 6.80 41.75
N TRP A 452 15.99 7.15 40.48
CA TRP A 452 15.31 8.36 40.05
C TRP A 452 13.91 8.00 39.60
N SER A 453 13.12 9.03 39.33
CA SER A 453 11.79 8.87 38.77
C SER A 453 11.96 8.53 37.28
N PRO A 454 10.85 8.39 36.53
CA PRO A 454 10.98 8.32 35.11
C PRO A 454 11.06 9.74 34.52
N CYS A 455 11.68 9.85 33.36
CA CYS A 455 11.71 11.12 32.62
C CYS A 455 10.53 11.20 31.65
N TYR A 456 10.15 12.42 31.29
CA TYR A 456 9.00 12.70 30.41
C TYR A 456 8.91 11.79 29.19
N ASP A 457 10.02 11.59 28.49
CA ASP A 457 10.06 10.66 27.34
C ASP A 457 9.80 9.25 27.87
N CYS A 458 10.69 8.78 28.74
CA CYS A 458 10.52 7.49 29.42
C CYS A 458 9.13 7.34 30.01
N ALA A 459 8.65 8.41 30.63
CA ALA A 459 7.29 8.47 31.18
C ALA A 459 6.27 8.26 30.07
N ARG A 460 6.37 9.09 29.03
CA ARG A 460 5.48 9.02 27.85
C ARG A 460 5.39 7.60 27.32
N HIS A 461 6.52 7.03 26.92
CA HIS A 461 6.57 5.67 26.34
C HIS A 461 5.92 4.61 27.25
N VAL A 462 6.30 4.60 28.52
CA VAL A 462 5.77 3.63 29.51
C VAL A 462 4.24 3.72 29.62
N ALA A 463 3.71 4.94 29.66
CA ALA A 463 2.26 5.16 29.70
C ALA A 463 1.58 4.56 28.46
N ASP A 464 2.17 4.82 27.29
CA ASP A 464 1.72 4.21 26.02
C ASP A 464 1.73 2.68 26.09
N PHE A 465 2.84 2.12 26.55
CA PHE A 465 3.00 0.66 26.74
C PHE A 465 1.93 0.08 27.66
N LEU A 466 1.64 0.80 28.74
CA LEU A 466 0.61 0.39 29.69
C LEU A 466 -0.78 0.40 29.07
N ARG A 467 -1.05 1.42 28.26
CA ARG A 467 -2.32 1.52 27.52
C ARG A 467 -2.45 0.38 26.49
N GLY A 468 -1.35 0.09 25.79
CA GLY A 468 -1.31 -0.98 24.78
C GLY A 468 -1.44 -2.38 25.35
N ASN A 469 -1.01 -2.54 26.60
CA ASN A 469 -1.13 -3.79 27.36
C ASN A 469 -1.98 -3.57 28.61
N PRO A 470 -3.32 -3.53 28.44
CA PRO A 470 -4.21 -3.27 29.57
C PRO A 470 -4.31 -4.41 30.60
N ASN A 471 -3.89 -5.60 30.20
CA ASN A 471 -3.68 -6.74 31.14
C ASN A 471 -2.63 -6.47 32.23
N LEU A 472 -1.61 -5.66 31.92
CA LEU A 472 -0.52 -5.33 32.86
C LEU A 472 -0.91 -4.25 33.85
N SER A 473 -0.41 -4.39 35.09
CA SER A 473 -0.57 -3.40 36.16
C SER A 473 0.78 -3.07 36.79
N LEU A 474 1.12 -1.79 36.83
CA LEU A 474 2.45 -1.34 37.30
C LEU A 474 2.35 -0.49 38.54
N ARG A 475 3.31 -0.72 39.45
CA ARG A 475 3.55 0.14 40.60
C ARG A 475 5.04 0.48 40.73
N ILE A 476 5.31 1.72 41.09
CA ILE A 476 6.68 2.24 41.07
C ILE A 476 7.00 2.84 42.43
N PHE A 477 8.07 2.33 43.04
CA PHE A 477 8.66 2.92 44.26
C PHE A 477 9.97 3.58 43.88
N THR A 478 10.07 4.89 44.08
CA THR A 478 11.26 5.65 43.66
C THR A 478 11.90 6.35 44.85
N ALA A 479 13.22 6.34 44.88
CA ALA A 479 13.98 7.06 45.90
C ALA A 479 13.87 8.57 45.69
N ARG A 480 14.18 9.02 44.49
CA ARG A 480 14.21 10.45 44.16
C ARG A 480 13.40 10.80 42.92
N LEU A 481 13.09 12.10 42.81
CA LEU A 481 12.36 12.64 41.69
C LEU A 481 13.37 13.35 40.78
N TYR A 482 13.27 13.09 39.48
CA TYR A 482 14.23 13.64 38.49
C TYR A 482 13.62 14.82 37.74
N PHE A 483 14.51 15.76 37.39
CA PHE A 483 14.12 17.13 37.03
C PHE A 483 15.11 17.87 36.14
N CYS A 484 14.62 18.99 35.62
CA CYS A 484 15.38 19.97 34.82
C CYS A 484 14.37 20.86 34.09
N GLU A 490 8.69 16.84 33.68
CA GLU A 490 8.23 15.46 34.04
C GLU A 490 7.09 15.28 35.04
N PRO A 491 6.81 16.28 35.93
CA PRO A 491 5.66 16.13 36.83
C PRO A 491 4.40 15.85 36.06
N GLU A 492 4.17 16.57 34.97
CA GLU A 492 3.10 16.14 34.08
C GLU A 492 3.38 14.73 33.62
N GLY A 493 4.59 14.46 33.17
CA GLY A 493 4.97 13.09 32.80
C GLY A 493 4.47 12.08 33.84
N LEU A 494 4.72 12.38 35.09
CA LEU A 494 4.23 11.59 36.24
C LEU A 494 2.70 11.64 36.41
N ARG A 495 2.08 12.73 35.97
CA ARG A 495 0.62 12.84 35.90
C ARG A 495 0.03 12.00 34.75
N ARG A 496 0.75 11.92 33.63
CA ARG A 496 0.36 11.01 32.53
C ARG A 496 0.35 9.56 33.05
N LEU A 497 1.41 9.19 33.77
CA LEU A 497 1.49 7.87 34.42
C LEU A 497 0.42 7.68 35.49
N ALA A 498 0.11 8.76 36.21
CA ALA A 498 -0.98 8.79 37.20
C ALA A 498 -2.32 8.38 36.56
N GLU A 499 -2.73 9.15 35.55
CA GLU A 499 -3.98 8.87 34.80
C GLU A 499 -3.93 7.57 33.98
N ALA A 500 -2.73 7.12 33.66
CA ALA A 500 -2.51 5.80 33.04
C ALA A 500 -2.79 4.61 33.98
N GLY A 501 -2.94 4.89 35.27
CA GLY A 501 -3.25 3.85 36.28
C GLY A 501 -2.03 3.27 36.98
N VAL A 502 -0.88 3.90 36.80
CA VAL A 502 0.34 3.52 37.54
C VAL A 502 0.25 4.08 38.96
N GLN A 503 0.57 3.23 39.94
CA GLN A 503 0.65 3.62 41.35
C GLN A 503 2.09 4.03 41.69
N ILE A 504 2.29 5.33 41.83
CA ILE A 504 3.64 5.88 42.05
C ILE A 504 3.81 6.26 43.52
N ALA A 505 4.90 5.79 44.13
CA ALA A 505 5.20 6.06 45.54
C ALA A 505 6.68 6.31 45.76
N ILE A 506 6.98 6.87 46.92
CA ILE A 506 8.37 7.11 47.34
C ILE A 506 8.78 6.10 48.40
N MET A 507 10.02 5.62 48.24
CA MET A 507 10.55 4.56 49.09
C MET A 507 10.68 5.01 50.54
N THR A 508 9.93 4.34 51.40
CA THR A 508 10.03 4.47 52.85
C THR A 508 11.06 3.46 53.38
N TYR A 509 11.32 3.50 54.68
CA TYR A 509 12.26 2.57 55.32
C TYR A 509 11.96 1.09 55.03
N LYS A 510 10.69 0.72 55.14
CA LYS A 510 10.25 -0.66 54.85
C LYS A 510 10.62 -1.09 53.43
N ASP A 511 10.53 -0.16 52.49
CA ASP A 511 10.88 -0.41 51.09
C ASP A 511 12.40 -0.63 50.92
N TYR A 512 13.19 0.19 51.61
CA TYR A 512 14.66 0.03 51.63
C TYR A 512 15.08 -1.30 52.24
N GLU A 513 14.41 -1.67 53.32
CA GLU A 513 14.62 -2.97 53.95
C GLU A 513 14.35 -4.08 52.95
N TYR A 514 13.19 -3.99 52.30
CA TYR A 514 12.76 -5.00 51.32
C TYR A 514 13.81 -5.18 50.24
N CYS A 515 14.18 -4.06 49.62
CA CYS A 515 15.22 -4.03 48.58
C CYS A 515 16.54 -4.63 49.08
N TRP A 516 16.93 -4.23 50.29
CA TRP A 516 18.19 -4.70 50.88
C TRP A 516 18.22 -6.22 51.06
N ASN A 517 17.07 -6.79 51.39
CA ASN A 517 16.94 -8.24 51.62
C ASN A 517 16.51 -9.05 50.38
N THR A 518 16.25 -8.36 49.27
CA THR A 518 15.70 -8.97 48.06
C THR A 518 16.71 -8.93 46.91
N PHE A 519 17.05 -7.72 46.48
CA PHE A 519 17.83 -7.53 45.23
C PHE A 519 19.34 -7.40 45.44
N VAL A 520 19.78 -7.27 46.68
CA VAL A 520 21.18 -6.97 47.01
C VAL A 520 21.86 -8.18 47.62
N GLU A 521 23.14 -8.37 47.29
CA GLU A 521 23.97 -9.35 47.97
C GLU A 521 24.63 -8.69 49.17
N ASN A 522 24.10 -8.99 50.35
CA ASN A 522 24.53 -8.35 51.60
C ASN A 522 25.54 -9.16 52.42
N HIS A 523 25.85 -10.38 51.97
CA HIS A 523 26.66 -11.35 52.75
C HIS A 523 26.09 -11.54 54.17
N GLU A 524 24.76 -11.65 54.23
CA GLU A 524 24.00 -11.81 55.47
C GLU A 524 24.26 -10.68 56.50
N ARG A 525 24.33 -9.46 55.99
CA ARG A 525 24.48 -8.25 56.82
C ARG A 525 23.14 -7.52 56.89
N THR A 526 22.85 -6.91 58.04
CA THR A 526 21.58 -6.19 58.25
C THR A 526 21.56 -4.89 57.47
N PHE A 527 20.40 -4.24 57.42
CA PHE A 527 20.29 -2.94 56.75
C PHE A 527 20.59 -1.80 57.73
N LYS A 528 21.62 -1.02 57.41
CA LYS A 528 22.03 0.17 58.17
C LYS A 528 21.46 1.44 57.55
N ALA A 529 20.53 2.07 58.26
CA ALA A 529 19.92 3.32 57.82
C ALA A 529 20.93 4.47 57.89
N TRP A 530 21.16 5.11 56.76
CA TRP A 530 22.04 6.31 56.70
C TRP A 530 21.28 7.53 57.20
N GLU A 531 22.01 8.56 57.63
CA GLU A 531 21.41 9.71 58.35
C GLU A 531 20.50 10.55 57.46
N GLY A 532 19.28 10.77 57.94
CA GLY A 532 18.30 11.62 57.26
C GLY A 532 17.44 10.91 56.23
N LEU A 533 17.22 9.62 56.43
CA LEU A 533 16.49 8.79 55.46
C LEU A 533 15.00 9.12 55.51
N HIS A 534 14.43 9.02 56.72
CA HIS A 534 12.98 9.26 56.92
C HIS A 534 12.57 10.69 56.57
N GLU A 535 13.40 11.63 57.00
CA GLU A 535 13.17 13.06 56.75
C GLU A 535 13.01 13.39 55.27
N ASN A 536 13.98 12.95 54.47
CA ASN A 536 13.93 13.08 53.02
C ASN A 536 12.79 12.28 52.38
N SER A 537 12.50 11.12 52.94
CA SER A 537 11.41 10.27 52.46
C SER A 537 10.06 11.01 52.53
N VAL A 538 9.71 11.50 53.72
CA VAL A 538 8.47 12.27 53.90
C VAL A 538 8.49 13.61 53.14
N ARG A 539 9.68 14.19 53.01
CA ARG A 539 9.88 15.45 52.25
C ARG A 539 9.51 15.25 50.79
N LEU A 540 10.16 14.29 50.15
CA LEU A 540 9.85 13.90 48.76
C LEU A 540 8.39 13.43 48.63
N SER A 541 7.85 12.77 49.66
CA SER A 541 6.43 12.36 49.69
C SER A 541 5.47 13.56 49.62
N ARG A 542 5.80 14.62 50.36
CA ARG A 542 5.04 15.89 50.33
C ARG A 542 5.03 16.48 48.92
N GLN A 543 6.22 16.55 48.34
CA GLN A 543 6.43 17.01 46.95
C GLN A 543 5.64 16.17 45.94
N LEU A 544 5.67 14.86 46.12
CA LEU A 544 4.97 13.93 45.21
C LEU A 544 3.46 14.09 45.29
N ARG A 545 2.94 14.07 46.51
CA ARG A 545 1.50 14.30 46.76
C ARG A 545 1.05 15.66 46.22
N ARG A 546 1.94 16.65 46.33
CA ARG A 546 1.73 17.99 45.73
C ARG A 546 1.64 17.93 44.19
N ILE A 547 2.47 17.09 43.59
CA ILE A 547 2.47 16.91 42.12
C ILE A 547 1.22 16.19 41.61
N LEU A 548 0.89 15.05 42.22
CA LEU A 548 -0.22 14.18 41.73
C LEU A 548 -1.63 14.67 42.02
N GLN A 549 -1.75 15.73 42.81
CA GLN A 549 -3.05 16.22 43.26
C GLN A 549 -2.97 17.73 43.49
N ILE B 3 -24.34 26.27 -15.94
CA ILE B 3 -23.58 24.97 -15.85
C ILE B 3 -23.78 24.30 -14.49
N GLU B 4 -24.11 23.01 -14.52
CA GLU B 4 -24.40 22.27 -13.29
C GLU B 4 -23.13 21.82 -12.56
N GLU B 5 -23.33 21.27 -11.36
CA GLU B 5 -22.26 20.66 -10.56
C GLU B 5 -22.72 19.35 -9.92
N GLY B 6 -21.83 18.37 -9.90
CA GLY B 6 -22.17 16.99 -9.50
C GLY B 6 -22.96 16.25 -10.57
N LYS B 7 -22.82 16.76 -11.79
CA LYS B 7 -23.70 16.40 -12.90
C LYS B 7 -22.97 16.76 -14.20
N LEU B 8 -22.85 15.76 -15.08
CA LEU B 8 -22.17 15.94 -16.37
C LEU B 8 -23.17 16.13 -17.49
N VAL B 9 -22.80 17.02 -18.40
CA VAL B 9 -23.55 17.28 -19.62
C VAL B 9 -22.56 17.12 -20.77
N ILE B 10 -22.95 16.30 -21.73
CA ILE B 10 -22.06 15.88 -22.83
C ILE B 10 -22.70 16.25 -24.15
N TRP B 11 -21.89 16.82 -25.05
CA TRP B 11 -22.35 17.24 -26.39
C TRP B 11 -21.63 16.44 -27.47
N ILE B 12 -22.42 15.66 -28.20
CA ILE B 12 -21.94 14.84 -29.31
C ILE B 12 -22.83 15.14 -30.52
N ASN B 13 -22.24 15.12 -31.71
CA ASN B 13 -22.99 15.36 -32.95
C ASN B 13 -24.06 14.29 -33.25
N GLY B 14 -25.14 14.71 -33.91
CA GLY B 14 -26.29 13.85 -34.22
C GLY B 14 -26.00 12.62 -35.07
N ASP B 15 -25.04 12.72 -35.97
CA ASP B 15 -24.63 11.60 -36.84
C ASP B 15 -23.85 10.48 -36.14
N LYS B 16 -23.38 10.75 -34.93
CA LYS B 16 -22.62 9.77 -34.15
C LYS B 16 -23.56 9.21 -33.08
N GLY B 17 -23.40 7.93 -32.80
CA GLY B 17 -24.38 7.15 -32.02
C GLY B 17 -24.46 7.59 -30.57
N TYR B 18 -25.46 8.43 -30.27
CA TYR B 18 -25.58 9.07 -28.95
C TYR B 18 -26.24 8.17 -27.91
N ASN B 19 -27.19 7.35 -28.35
CA ASN B 19 -27.96 6.49 -27.44
C ASN B 19 -27.08 5.46 -26.71
N GLY B 20 -26.10 4.92 -27.44
CA GLY B 20 -25.04 4.07 -26.86
C GLY B 20 -24.23 4.77 -25.78
N LEU B 21 -23.82 6.00 -26.06
CA LEU B 21 -23.14 6.88 -25.09
C LEU B 21 -24.01 7.20 -23.85
N ALA B 22 -25.30 7.35 -24.07
CA ALA B 22 -26.27 7.58 -23.00
C ALA B 22 -26.44 6.34 -22.10
N GLU B 23 -26.35 5.16 -22.71
CA GLU B 23 -26.36 3.87 -21.97
C GLU B 23 -25.09 3.71 -21.13
N VAL B 24 -23.97 4.15 -21.70
CA VAL B 24 -22.71 4.25 -20.96
C VAL B 24 -22.88 5.21 -19.78
N GLY B 25 -23.44 6.38 -20.07
CA GLY B 25 -23.80 7.36 -19.03
C GLY B 25 -24.74 6.82 -17.97
N LYS B 26 -25.63 5.93 -18.37
CA LYS B 26 -26.51 5.21 -17.43
C LYS B 26 -25.77 4.20 -16.54
N LYS B 27 -24.79 3.49 -17.11
CA LYS B 27 -23.91 2.59 -16.32
C LYS B 27 -23.12 3.40 -15.30
N PHE B 28 -22.60 4.55 -15.74
CA PHE B 28 -21.90 5.50 -14.86
C PHE B 28 -22.79 5.92 -13.69
N GLU B 29 -23.97 6.46 -14.01
CA GLU B 29 -24.99 6.82 -12.98
C GLU B 29 -25.33 5.65 -12.04
N LYS B 30 -25.40 4.44 -12.59
CA LYS B 30 -25.72 3.24 -11.82
C LYS B 30 -24.66 2.92 -10.74
N ASP B 31 -23.41 2.92 -11.17
CA ASP B 31 -22.27 2.63 -10.28
C ASP B 31 -21.80 3.82 -9.43
N THR B 32 -22.21 5.02 -9.81
CA THR B 32 -21.70 6.27 -9.22
C THR B 32 -22.78 7.01 -8.43
N GLY B 33 -23.88 7.29 -9.09
CA GLY B 33 -24.95 8.15 -8.55
C GLY B 33 -24.91 9.54 -9.14
N ILE B 34 -23.88 9.81 -9.93
CA ILE B 34 -23.74 11.06 -10.68
C ILE B 34 -24.36 10.71 -12.02
N LYS B 35 -25.51 11.31 -12.28
CA LYS B 35 -26.20 11.15 -13.55
C LYS B 35 -25.56 12.04 -14.60
N VAL B 36 -25.60 11.58 -15.84
CA VAL B 36 -25.02 12.33 -16.97
C VAL B 36 -26.05 12.43 -18.09
N THR B 37 -26.13 13.61 -18.70
CA THR B 37 -27.08 13.87 -19.78
C THR B 37 -26.34 14.06 -21.10
N VAL B 38 -26.69 13.22 -22.07
CA VAL B 38 -26.09 13.24 -23.42
C VAL B 38 -27.04 14.00 -24.34
N GLU B 39 -26.52 15.08 -24.91
CA GLU B 39 -27.29 15.96 -25.80
C GLU B 39 -26.61 16.06 -27.17
N HIS B 40 -27.42 16.30 -28.20
CA HIS B 40 -26.94 16.38 -29.59
C HIS B 40 -27.52 17.61 -30.29
N PRO B 41 -27.19 18.82 -29.81
CA PRO B 41 -27.82 20.03 -30.35
C PRO B 41 -27.36 20.36 -31.75
N ASP B 42 -27.94 21.42 -32.30
CA ASP B 42 -27.75 21.82 -33.69
C ASP B 42 -26.59 22.80 -33.78
N LYS B 43 -25.70 22.57 -34.76
CA LYS B 43 -24.47 23.37 -34.95
C LYS B 43 -23.72 23.56 -33.62
N LEU B 44 -23.46 22.46 -32.93
CA LEU B 44 -22.81 22.49 -31.60
C LEU B 44 -21.34 22.87 -31.68
N GLU B 45 -20.71 22.60 -32.81
CA GLU B 45 -19.35 23.12 -33.08
C GLU B 45 -19.31 24.65 -33.17
N GLU B 46 -20.46 25.26 -33.45
CA GLU B 46 -20.63 26.72 -33.44
C GLU B 46 -21.13 27.22 -32.09
N LYS B 47 -22.17 26.55 -31.59
CA LYS B 47 -22.82 26.88 -30.31
C LYS B 47 -21.80 26.93 -29.17
N PHE B 48 -21.08 25.81 -28.99
CA PHE B 48 -20.11 25.64 -27.88
C PHE B 48 -19.09 26.79 -27.71
N PRO B 49 -18.42 27.22 -28.80
CA PRO B 49 -17.52 28.39 -28.72
C PRO B 49 -18.14 29.67 -28.14
N GLN B 50 -19.43 29.86 -28.41
CA GLN B 50 -20.17 31.02 -27.87
C GLN B 50 -20.49 30.81 -26.40
N VAL B 51 -21.19 29.70 -26.14
CA VAL B 51 -21.76 29.37 -24.82
C VAL B 51 -20.67 29.18 -23.76
N ALA B 52 -19.54 28.61 -24.17
CA ALA B 52 -18.39 28.36 -23.27
C ALA B 52 -17.73 29.64 -22.75
N ALA B 53 -17.62 30.64 -23.62
CA ALA B 53 -17.05 31.96 -23.27
C ALA B 53 -17.78 32.66 -22.11
N THR B 54 -19.08 32.40 -21.98
CA THR B 54 -19.90 32.87 -20.84
C THR B 54 -19.76 32.01 -19.56
N GLY B 55 -18.89 31.00 -19.59
CA GLY B 55 -18.74 30.07 -18.46
C GLY B 55 -19.96 29.16 -18.32
N ASP B 56 -20.33 28.57 -19.45
CA ASP B 56 -21.58 27.79 -19.59
C ASP B 56 -21.30 26.65 -20.58
N GLY B 57 -22.33 25.89 -20.92
CA GLY B 57 -22.23 24.85 -21.96
C GLY B 57 -22.09 23.48 -21.33
N PRO B 58 -21.64 22.48 -22.12
CA PRO B 58 -21.50 21.16 -21.56
C PRO B 58 -20.20 21.02 -20.79
N ASP B 59 -20.12 19.94 -20.04
CA ASP B 59 -18.90 19.57 -19.34
C ASP B 59 -17.91 18.93 -20.34
N ILE B 60 -18.43 18.10 -21.25
CA ILE B 60 -17.63 17.43 -22.29
C ILE B 60 -18.16 17.74 -23.69
N ILE B 61 -17.24 17.83 -24.64
CA ILE B 61 -17.54 18.12 -26.05
C ILE B 61 -16.84 17.09 -26.95
N PHE B 62 -17.61 16.48 -27.85
CA PHE B 62 -17.07 15.52 -28.83
C PHE B 62 -17.06 16.11 -30.23
N TRP B 63 -15.87 16.20 -30.81
CA TRP B 63 -15.71 16.67 -32.18
C TRP B 63 -14.37 16.25 -32.76
N ALA B 64 -14.21 16.44 -34.06
CA ALA B 64 -12.93 16.30 -34.73
C ALA B 64 -11.86 17.18 -34.07
N HIS B 65 -10.67 16.62 -33.93
CA HIS B 65 -9.55 17.26 -33.23
C HIS B 65 -9.11 18.59 -33.83
N ASP B 66 -9.27 18.74 -35.15
CA ASP B 66 -8.89 19.96 -35.86
C ASP B 66 -9.61 21.19 -35.32
N ARG B 67 -10.88 21.00 -34.98
CA ARG B 67 -11.71 22.10 -34.50
C ARG B 67 -11.25 22.59 -33.14
N PHE B 68 -10.80 21.66 -32.31
CA PHE B 68 -10.33 21.95 -30.95
C PHE B 68 -9.13 22.88 -30.83
N GLY B 69 -8.46 23.18 -31.93
CA GLY B 69 -7.36 24.16 -31.94
C GLY B 69 -7.80 25.56 -31.55
N GLY B 70 -8.80 26.09 -32.27
CA GLY B 70 -9.39 27.41 -31.96
C GLY B 70 -10.05 27.47 -30.59
N TYR B 71 -10.54 26.32 -30.14
CA TYR B 71 -11.11 26.15 -28.80
C TYR B 71 -10.00 26.29 -27.74
N ALA B 72 -8.88 25.65 -28.01
CA ALA B 72 -7.68 25.71 -27.15
C ALA B 72 -7.08 27.11 -27.10
N GLN B 73 -7.04 27.77 -28.24
CA GLN B 73 -6.53 29.14 -28.34
C GLN B 73 -7.40 30.14 -27.57
N SER B 74 -8.71 29.96 -27.66
CA SER B 74 -9.67 30.76 -26.87
C SER B 74 -9.71 30.35 -25.39
N GLY B 75 -9.03 29.26 -25.06
CA GLY B 75 -8.84 28.81 -23.67
C GLY B 75 -10.08 28.19 -23.09
N LEU B 76 -10.88 27.57 -23.96
CA LEU B 76 -12.15 26.98 -23.58
C LEU B 76 -12.00 25.51 -23.20
N LEU B 77 -10.83 24.94 -23.46
CA LEU B 77 -10.56 23.54 -23.13
C LEU B 77 -9.52 23.43 -22.03
N ALA B 78 -9.89 22.65 -21.02
CA ALA B 78 -9.01 22.34 -19.90
C ALA B 78 -7.85 21.48 -20.37
N GLU B 79 -6.68 21.76 -19.82
CA GLU B 79 -5.51 20.93 -20.03
C GLU B 79 -5.73 19.65 -19.25
N ILE B 80 -5.42 18.53 -19.89
CA ILE B 80 -5.45 17.23 -19.23
C ILE B 80 -4.02 16.70 -19.11
N THR B 81 -3.78 15.98 -18.03
CA THR B 81 -2.51 15.31 -17.76
C THR B 81 -2.83 13.89 -17.27
N PRO B 82 -3.20 13.00 -18.21
CA PRO B 82 -3.52 11.62 -17.87
C PRO B 82 -2.28 10.80 -17.61
N ALA B 83 -2.42 9.81 -16.74
CA ALA B 83 -1.33 8.93 -16.35
C ALA B 83 -0.64 8.36 -17.58
N ALA B 84 0.67 8.53 -17.66
CA ALA B 84 1.50 7.87 -18.69
C ALA B 84 1.16 6.37 -18.91
N ALA B 85 0.67 5.73 -17.84
CA ALA B 85 0.16 4.35 -17.92
C ALA B 85 -1.16 4.23 -18.70
N PHE B 86 -2.05 5.20 -18.53
CA PHE B 86 -3.30 5.31 -19.32
C PHE B 86 -3.02 5.79 -20.73
N GLN B 87 -2.10 6.73 -20.90
CA GLN B 87 -1.75 7.19 -22.24
C GLN B 87 -1.53 5.99 -23.18
N ASP B 88 -0.84 4.97 -22.67
CA ASP B 88 -0.53 3.73 -23.43
C ASP B 88 -1.71 2.93 -23.92
N LYS B 89 -2.81 2.95 -23.17
CA LYS B 89 -4.04 2.23 -23.57
C LYS B 89 -4.36 2.51 -25.04
N LEU B 90 -4.06 3.74 -25.50
CA LEU B 90 -4.34 4.20 -26.87
C LEU B 90 -3.11 4.36 -27.76
N TYR B 91 -3.36 4.48 -29.06
CA TYR B 91 -2.28 4.63 -30.05
C TYR B 91 -1.56 5.96 -29.86
N PRO B 92 -0.21 5.94 -29.87
CA PRO B 92 0.60 7.15 -29.64
C PRO B 92 0.30 8.33 -30.56
N PHE B 93 0.07 8.02 -31.83
CA PHE B 93 -0.19 9.05 -32.84
C PHE B 93 -1.52 9.78 -32.64
N THR B 94 -2.46 9.12 -31.96
CA THR B 94 -3.77 9.74 -31.64
C THR B 94 -3.65 10.82 -30.57
N TRP B 95 -2.66 10.68 -29.69
CA TRP B 95 -2.37 11.68 -28.66
C TRP B 95 -1.73 12.96 -29.20
N ASP B 96 -1.18 12.88 -30.41
CA ASP B 96 -0.60 14.06 -31.07
C ASP B 96 -1.66 14.92 -31.75
N ALA B 97 -2.82 14.34 -32.01
CA ALA B 97 -3.98 15.06 -32.57
C ALA B 97 -4.65 15.97 -31.54
N VAL B 98 -4.62 15.53 -30.28
CA VAL B 98 -5.20 16.28 -29.16
C VAL B 98 -4.21 17.24 -28.47
N ARG B 99 -3.00 17.32 -29.00
CA ARG B 99 -1.95 18.16 -28.43
C ARG B 99 -1.91 19.53 -29.11
N TYR B 100 -2.22 20.57 -28.34
CA TYR B 100 -2.17 21.95 -28.83
C TYR B 100 -1.18 22.79 -28.03
N ASN B 101 -0.24 23.40 -28.75
CA ASN B 101 0.82 24.22 -28.16
C ASN B 101 1.56 23.52 -27.00
N GLY B 102 1.84 22.24 -27.21
CA GLY B 102 2.62 21.42 -26.28
C GLY B 102 1.87 21.01 -25.03
N LYS B 103 0.59 20.71 -25.15
CA LYS B 103 -0.20 20.16 -24.04
C LYS B 103 -1.51 19.54 -24.52
N LEU B 104 -2.03 18.62 -23.72
CA LEU B 104 -3.20 17.82 -24.11
C LEU B 104 -4.48 18.50 -23.70
N ILE B 105 -5.32 18.79 -24.69
CA ILE B 105 -6.64 19.44 -24.44
C ILE B 105 -7.85 18.50 -24.55
N ALA B 106 -7.59 17.27 -24.94
CA ALA B 106 -8.66 16.31 -25.22
C ALA B 106 -8.21 14.86 -25.17
N TYR B 107 -9.20 13.98 -25.06
CA TYR B 107 -9.01 12.52 -25.13
C TYR B 107 -9.36 12.01 -26.52
N PRO B 108 -8.45 11.25 -27.16
CA PRO B 108 -8.80 10.65 -28.46
C PRO B 108 -9.82 9.51 -28.31
N ILE B 109 -10.74 9.44 -29.27
CA ILE B 109 -11.83 8.45 -29.26
C ILE B 109 -11.80 7.55 -30.51
N ALA B 110 -12.03 8.18 -31.67
CA ALA B 110 -12.18 7.47 -32.96
C ALA B 110 -11.25 8.05 -34.03
N VAL B 111 -11.15 7.34 -35.15
CA VAL B 111 -10.25 7.70 -36.27
C VAL B 111 -10.97 7.58 -37.62
N GLU B 112 -10.95 8.67 -38.39
CA GLU B 112 -11.33 8.66 -39.82
C GLU B 112 -10.14 8.96 -40.71
N ALA B 113 -10.17 8.38 -41.91
CA ALA B 113 -9.14 8.61 -42.94
C ALA B 113 -9.64 8.04 -44.27
N LEU B 114 -9.05 8.52 -45.35
CA LEU B 114 -9.39 8.01 -46.69
C LEU B 114 -8.86 6.59 -46.90
N SER B 115 -9.51 5.89 -47.81
CA SER B 115 -9.15 4.52 -48.13
C SER B 115 -9.48 4.21 -49.58
N LEU B 116 -8.85 3.17 -50.09
CA LEU B 116 -9.06 2.73 -51.47
C LEU B 116 -10.22 1.74 -51.51
N ILE B 117 -11.31 2.16 -52.14
CA ILE B 117 -12.48 1.30 -52.33
C ILE B 117 -12.45 0.75 -53.75
N TYR B 118 -12.44 -0.57 -53.87
CA TYR B 118 -12.35 -1.24 -55.17
C TYR B 118 -13.51 -2.23 -55.35
N ASN B 119 -13.88 -2.46 -56.61
CA ASN B 119 -14.93 -3.42 -56.99
C ASN B 119 -14.37 -4.84 -57.08
N LYS B 120 -14.89 -5.74 -56.24
CA LYS B 120 -14.37 -7.11 -56.11
C LYS B 120 -14.57 -7.94 -57.38
N ASP B 121 -15.63 -7.63 -58.13
CA ASP B 121 -15.94 -8.33 -59.38
C ASP B 121 -14.98 -7.91 -60.48
N LEU B 122 -15.00 -6.62 -60.83
CA LEU B 122 -14.11 -6.02 -61.84
C LEU B 122 -12.64 -6.20 -61.48
N LEU B 123 -12.33 -5.90 -60.23
CA LEU B 123 -10.98 -6.08 -59.67
C LEU B 123 -10.93 -7.12 -58.57
N PRO B 124 -10.47 -8.34 -58.88
CA PRO B 124 -10.18 -9.31 -57.83
C PRO B 124 -8.97 -8.90 -56.98
N ASN B 125 -8.00 -8.29 -57.64
CA ASN B 125 -6.73 -7.90 -57.02
C ASN B 125 -6.38 -6.45 -57.31
N PRO B 126 -6.72 -5.53 -56.38
CA PRO B 126 -6.40 -4.11 -56.59
C PRO B 126 -4.90 -3.83 -56.61
N PRO B 127 -4.50 -2.71 -57.24
CA PRO B 127 -3.10 -2.38 -57.39
C PRO B 127 -2.51 -1.82 -56.11
N LYS B 128 -1.26 -2.19 -55.84
CA LYS B 128 -0.52 -1.68 -54.69
C LYS B 128 0.23 -0.38 -54.99
N THR B 129 0.29 -0.01 -56.27
CA THR B 129 1.02 1.19 -56.71
C THR B 129 0.16 2.11 -57.57
N TRP B 130 0.53 3.39 -57.60
CA TRP B 130 -0.12 4.39 -58.48
C TRP B 130 0.37 4.26 -59.93
N GLU B 131 1.51 3.62 -60.11
CA GLU B 131 2.14 3.47 -61.44
C GLU B 131 1.41 2.43 -62.32
N GLU B 132 0.76 1.46 -61.66
CA GLU B 132 -0.09 0.48 -62.34
C GLU B 132 -1.41 1.05 -62.86
N ILE B 133 -1.81 2.23 -62.37
CA ILE B 133 -3.17 2.75 -62.61
C ILE B 133 -3.45 3.05 -64.10
N PRO B 134 -2.51 3.71 -64.82
CA PRO B 134 -2.71 3.87 -66.27
C PRO B 134 -2.77 2.54 -67.02
N ALA B 135 -1.80 1.67 -66.74
CA ALA B 135 -1.72 0.32 -67.34
C ALA B 135 -3.02 -0.47 -67.16
N LEU B 136 -3.53 -0.46 -65.93
CA LEU B 136 -4.82 -1.09 -65.59
C LEU B 136 -6.02 -0.32 -66.13
N ASP B 137 -5.86 0.98 -66.32
CA ASP B 137 -6.96 1.81 -66.84
C ASP B 137 -7.29 1.45 -68.28
N LYS B 138 -6.25 1.29 -69.09
CA LYS B 138 -6.38 0.93 -70.51
C LYS B 138 -6.93 -0.48 -70.77
N GLU B 139 -6.84 -1.34 -69.76
CA GLU B 139 -7.44 -2.70 -69.76
C GLU B 139 -8.98 -2.59 -69.66
N LEU B 140 -9.44 -1.97 -68.58
CA LEU B 140 -10.88 -1.78 -68.29
C LEU B 140 -11.56 -0.81 -69.26
N LYS B 141 -10.77 0.12 -69.81
CA LYS B 141 -11.25 1.00 -70.89
C LYS B 141 -11.82 0.23 -72.10
N ALA B 142 -11.27 -0.95 -72.34
CA ALA B 142 -11.73 -1.85 -73.41
C ALA B 142 -13.04 -2.59 -73.08
N LYS B 143 -13.39 -2.71 -71.81
CA LYS B 143 -14.69 -3.30 -71.40
C LYS B 143 -15.76 -2.23 -71.14
N GLY B 144 -15.46 -0.98 -71.51
CA GLY B 144 -16.38 0.15 -71.34
C GLY B 144 -16.46 0.65 -69.92
N LYS B 145 -15.36 0.50 -69.20
CA LYS B 145 -15.27 0.84 -67.78
C LYS B 145 -14.08 1.76 -67.56
N SER B 146 -14.09 2.48 -66.44
CA SER B 146 -12.96 3.29 -66.01
C SER B 146 -12.31 2.64 -64.78
N ALA B 147 -11.00 2.81 -64.63
CA ALA B 147 -10.26 2.23 -63.49
C ALA B 147 -10.52 3.00 -62.20
N LEU B 148 -10.14 4.27 -62.20
CA LEU B 148 -10.18 5.08 -60.98
C LEU B 148 -10.87 6.41 -61.22
N MET B 149 -11.79 6.75 -60.32
CA MET B 149 -12.48 8.06 -60.31
C MET B 149 -12.76 8.49 -58.89
N PHE B 150 -12.43 9.75 -58.60
CA PHE B 150 -12.71 10.34 -57.28
C PHE B 150 -12.89 11.87 -57.31
N ASN B 151 -13.00 12.47 -56.13
CA ASN B 151 -13.33 13.88 -55.97
C ASN B 151 -12.11 14.76 -56.27
N LEU B 152 -11.81 14.92 -57.56
CA LEU B 152 -10.58 15.61 -57.98
C LEU B 152 -10.62 17.11 -57.72
N GLN B 153 -11.81 17.68 -57.75
CA GLN B 153 -11.99 19.13 -57.51
C GLN B 153 -11.49 19.71 -56.15
N GLU B 154 -11.46 18.88 -55.10
CA GLU B 154 -11.13 19.36 -53.72
C GLU B 154 -9.86 18.67 -53.10
N PRO B 155 -9.02 19.44 -52.37
CA PRO B 155 -7.74 18.98 -51.76
C PRO B 155 -7.76 17.76 -50.85
N TYR B 156 -8.70 17.69 -49.93
CA TYR B 156 -8.78 16.55 -48.98
C TYR B 156 -8.56 15.19 -49.68
N PHE B 157 -9.12 15.06 -50.88
CA PHE B 157 -9.10 13.81 -51.66
C PHE B 157 -7.85 13.66 -52.54
N THR B 158 -7.42 14.77 -53.11
CA THR B 158 -6.27 14.79 -54.03
C THR B 158 -4.93 14.81 -53.30
N TRP B 159 -4.94 15.30 -52.07
CA TRP B 159 -3.73 15.51 -51.27
C TRP B 159 -2.90 14.24 -51.00
N PRO B 160 -3.54 13.10 -50.70
CA PRO B 160 -2.78 11.88 -50.40
C PRO B 160 -1.78 11.48 -51.47
N LEU B 161 -2.17 11.60 -52.73
CA LEU B 161 -1.24 11.34 -53.83
C LEU B 161 -0.08 12.37 -53.88
N ILE B 162 -0.43 13.62 -53.62
CA ILE B 162 0.54 14.73 -53.63
C ILE B 162 1.59 14.53 -52.54
N ALA B 163 1.12 14.23 -51.34
CA ALA B 163 1.96 14.15 -50.14
C ALA B 163 2.85 12.91 -50.05
N ALA B 164 2.54 11.88 -50.85
CA ALA B 164 3.22 10.58 -50.71
C ALA B 164 4.74 10.64 -50.85
N ASP B 165 5.22 11.49 -51.74
CA ASP B 165 6.66 11.71 -51.93
C ASP B 165 7.24 12.81 -51.02
N GLY B 166 6.51 13.17 -49.96
CA GLY B 166 7.00 14.11 -48.93
C GLY B 166 6.39 15.50 -48.93
N GLY B 167 5.25 15.68 -49.59
CA GLY B 167 4.46 16.89 -49.41
C GLY B 167 3.88 16.89 -48.00
N TYR B 168 3.81 18.08 -47.42
CA TYR B 168 3.25 18.27 -46.07
C TYR B 168 2.65 19.68 -45.96
N ALA B 169 1.75 19.85 -45.00
CA ALA B 169 1.07 21.14 -44.80
C ALA B 169 1.93 22.10 -43.96
N PHE B 170 2.23 21.70 -42.75
CA PHE B 170 3.09 22.45 -41.83
C PHE B 170 3.86 21.41 -41.06
N LYS B 171 5.18 21.59 -40.94
CA LYS B 171 6.00 20.58 -40.28
C LYS B 171 5.77 20.65 -38.79
N TYR B 172 5.53 19.46 -38.25
CA TYR B 172 5.12 19.29 -36.89
C TYR B 172 6.44 19.14 -36.16
N ALA B 173 6.81 20.20 -35.45
CA ALA B 173 8.11 20.26 -34.77
C ALA B 173 8.19 19.30 -33.58
N ALA B 174 7.49 19.64 -32.51
CA ALA B 174 7.33 18.74 -31.37
C ALA B 174 6.28 19.31 -30.45
N GLY B 175 5.05 18.85 -30.69
CA GLY B 175 3.90 19.37 -30.00
C GLY B 175 3.57 20.72 -30.58
N LYS B 176 4.07 21.01 -31.79
CA LYS B 176 3.83 22.29 -32.41
C LYS B 176 4.08 22.31 -33.91
N TYR B 177 3.21 23.00 -34.64
CA TYR B 177 3.43 23.31 -36.06
C TYR B 177 3.97 24.74 -36.14
N ASP B 178 4.91 24.99 -37.04
CA ASP B 178 5.33 26.38 -37.32
C ASP B 178 4.66 26.84 -38.62
N ILE B 179 3.99 27.99 -38.53
CA ILE B 179 3.22 28.53 -39.66
C ILE B 179 4.18 29.00 -40.76
N LYS B 180 5.39 29.38 -40.36
CA LYS B 180 6.41 29.85 -41.30
C LYS B 180 6.80 28.83 -42.39
N ASP B 181 6.79 27.54 -42.07
CA ASP B 181 7.20 26.51 -43.04
C ASP B 181 6.06 25.66 -43.58
N VAL B 182 6.07 25.50 -44.89
CA VAL B 182 5.02 24.81 -45.63
C VAL B 182 5.70 23.97 -46.72
N GLY B 183 5.31 22.70 -46.83
CA GLY B 183 5.85 21.76 -47.84
C GLY B 183 5.00 21.53 -49.09
N VAL B 184 4.26 22.55 -49.48
CA VAL B 184 3.33 22.51 -50.64
C VAL B 184 4.09 22.48 -51.98
N ASP B 185 5.17 23.24 -52.04
CA ASP B 185 6.04 23.35 -53.21
C ASP B 185 7.33 22.74 -52.72
N ASN B 186 7.35 21.44 -52.88
CA ASN B 186 8.43 20.54 -52.54
C ASN B 186 8.47 19.65 -53.76
N ALA B 187 9.63 19.10 -54.08
CA ALA B 187 9.78 18.28 -55.29
C ALA B 187 8.82 17.08 -55.34
N GLY B 188 8.49 16.56 -54.16
CA GLY B 188 7.59 15.39 -54.02
C GLY B 188 6.12 15.69 -54.25
N ALA B 189 5.66 16.81 -53.72
CA ALA B 189 4.35 17.36 -54.04
C ALA B 189 4.20 17.62 -55.56
N LYS B 190 5.26 18.16 -56.15
CA LYS B 190 5.31 18.36 -57.61
C LYS B 190 5.23 17.04 -58.38
N ALA B 191 5.92 16.01 -57.86
CA ALA B 191 5.88 14.66 -58.44
C ALA B 191 4.46 14.08 -58.45
N GLY B 192 3.85 14.05 -57.28
CA GLY B 192 2.48 13.54 -57.11
C GLY B 192 1.47 14.32 -57.93
N LEU B 193 1.57 15.65 -57.86
CA LEU B 193 0.65 16.52 -58.57
C LEU B 193 0.78 16.35 -60.09
N THR B 194 2.01 16.36 -60.59
CA THR B 194 2.28 16.09 -62.03
C THR B 194 1.73 14.73 -62.47
N PHE B 195 1.83 13.73 -61.61
CA PHE B 195 1.28 12.40 -61.89
C PHE B 195 -0.24 12.44 -62.06
N LEU B 196 -0.89 13.16 -61.16
CA LEU B 196 -2.33 13.45 -61.26
C LEU B 196 -2.68 14.14 -62.59
N VAL B 197 -1.88 15.14 -62.93
CA VAL B 197 -2.02 15.88 -64.20
C VAL B 197 -1.86 14.96 -65.44
N ASP B 198 -0.94 14.01 -65.35
CA ASP B 198 -0.74 13.01 -66.42
C ASP B 198 -1.93 12.08 -66.57
N LEU B 199 -2.48 11.65 -65.43
CA LEU B 199 -3.71 10.83 -65.40
C LEU B 199 -4.92 11.53 -66.04
N ILE B 200 -5.02 12.84 -65.84
CA ILE B 200 -6.11 13.63 -66.46
C ILE B 200 -5.80 14.11 -67.89
N LYS B 201 -4.52 14.10 -68.25
CA LYS B 201 -4.08 14.42 -69.63
C LYS B 201 -4.43 13.31 -70.62
N ASN B 202 -4.27 12.07 -70.18
CA ASN B 202 -4.61 10.89 -70.99
C ASN B 202 -6.10 10.51 -70.92
N LYS B 203 -6.88 11.31 -70.20
CA LYS B 203 -8.23 10.98 -69.77
C LYS B 203 -8.37 9.54 -69.27
N HIS B 204 -7.55 9.26 -68.27
CA HIS B 204 -7.80 8.16 -67.34
C HIS B 204 -8.86 8.59 -66.35
N MET B 205 -8.91 9.90 -66.08
CA MET B 205 -10.08 10.55 -65.49
C MET B 205 -10.20 11.99 -65.98
N ASN B 206 -11.45 12.43 -66.09
CA ASN B 206 -11.82 13.69 -66.80
C ASN B 206 -11.28 15.03 -66.27
N ALA B 207 -10.88 15.08 -65.00
CA ALA B 207 -10.52 16.35 -64.29
C ALA B 207 -11.70 17.30 -63.99
N ASP B 208 -12.89 16.94 -64.45
CA ASP B 208 -14.15 17.61 -64.07
C ASP B 208 -14.81 16.92 -62.89
N THR B 209 -14.27 15.77 -62.47
CA THR B 209 -14.97 14.87 -61.55
C THR B 209 -15.19 15.52 -60.18
N ASP B 210 -16.36 15.23 -59.60
CA ASP B 210 -16.68 15.60 -58.22
C ASP B 210 -17.13 14.39 -57.38
N TYR B 211 -17.48 14.66 -56.13
CA TYR B 211 -17.91 13.62 -55.17
C TYR B 211 -19.12 12.84 -55.67
N SER B 212 -20.13 13.58 -56.11
CA SER B 212 -21.40 13.01 -56.60
C SER B 212 -21.22 12.21 -57.90
N ILE B 213 -20.39 12.71 -58.81
CA ILE B 213 -20.08 12.02 -60.08
C ILE B 213 -19.32 10.71 -59.84
N ALA B 214 -18.31 10.77 -58.97
CA ALA B 214 -17.51 9.58 -58.61
C ALA B 214 -18.35 8.57 -57.84
N GLU B 215 -19.22 9.04 -56.95
CA GLU B 215 -20.15 8.18 -56.21
C GLU B 215 -21.12 7.47 -57.13
N ALA B 216 -21.76 8.24 -58.01
CA ALA B 216 -22.65 7.69 -59.05
C ALA B 216 -21.93 6.68 -59.95
N ALA B 217 -20.72 7.03 -60.38
CA ALA B 217 -19.87 6.16 -61.22
C ALA B 217 -19.61 4.80 -60.56
N PHE B 218 -19.01 4.83 -59.38
CA PHE B 218 -18.66 3.59 -58.64
C PHE B 218 -19.87 2.75 -58.24
N ASN B 219 -20.90 3.41 -57.70
CA ASN B 219 -22.11 2.72 -57.20
C ASN B 219 -22.96 2.06 -58.30
N LYS B 220 -22.91 2.62 -59.51
CA LYS B 220 -23.58 2.03 -60.69
C LYS B 220 -22.69 1.04 -61.50
N GLY B 221 -21.49 0.76 -60.99
CA GLY B 221 -20.58 -0.25 -61.55
C GLY B 221 -19.71 0.19 -62.71
N GLU B 222 -19.67 1.49 -62.97
CA GLU B 222 -18.94 2.06 -64.11
C GLU B 222 -17.43 2.05 -63.86
N THR B 223 -17.05 2.60 -62.71
CA THR B 223 -15.64 2.70 -62.30
C THR B 223 -15.29 1.59 -61.28
N ALA B 224 -14.13 0.98 -61.49
CA ALA B 224 -13.63 -0.11 -60.61
C ALA B 224 -13.15 0.35 -59.25
N MET B 225 -12.48 1.50 -59.22
CA MET B 225 -11.92 2.07 -57.98
C MET B 225 -12.29 3.52 -57.72
N THR B 226 -12.53 3.81 -56.45
CA THR B 226 -12.75 5.17 -55.97
C THR B 226 -12.03 5.36 -54.63
N ILE B 227 -11.67 6.60 -54.34
CA ILE B 227 -10.99 6.97 -53.09
C ILE B 227 -11.97 7.77 -52.24
N ASN B 228 -12.33 7.21 -51.08
CA ASN B 228 -13.39 7.79 -50.25
C ASN B 228 -13.43 7.28 -48.79
N GLY B 229 -14.37 7.79 -47.99
CA GLY B 229 -14.42 7.57 -46.53
C GLY B 229 -15.66 6.89 -45.97
N PRO B 230 -15.52 6.24 -44.78
CA PRO B 230 -16.57 5.48 -44.09
C PRO B 230 -17.97 6.09 -44.18
N TRP B 231 -18.04 7.42 -44.06
CA TRP B 231 -19.29 8.17 -44.37
C TRP B 231 -20.08 7.63 -45.57
N ALA B 232 -19.36 7.20 -46.60
CA ALA B 232 -19.92 6.70 -47.86
C ALA B 232 -20.14 5.17 -47.95
N TRP B 233 -19.76 4.43 -46.92
CA TRP B 233 -19.84 2.95 -46.95
C TRP B 233 -21.28 2.43 -47.09
N SER B 234 -22.16 2.95 -46.23
CA SER B 234 -23.61 2.58 -46.20
C SER B 234 -24.33 2.65 -47.54
N ASN B 235 -24.07 3.71 -48.30
CA ASN B 235 -24.61 3.88 -49.66
C ASN B 235 -24.25 2.70 -50.56
N ILE B 236 -22.94 2.44 -50.61
CA ILE B 236 -22.38 1.34 -51.43
C ILE B 236 -22.91 -0.03 -50.95
N ASP B 237 -23.15 -0.16 -49.65
CA ASP B 237 -23.81 -1.35 -49.07
C ASP B 237 -25.21 -1.59 -49.64
N THR B 238 -25.96 -0.51 -49.75
CA THR B 238 -27.31 -0.52 -50.35
C THR B 238 -27.31 -0.49 -51.90
N SER B 239 -26.14 -0.27 -52.50
CA SER B 239 -25.96 -0.33 -53.97
C SER B 239 -25.85 -1.77 -54.51
N ALA B 240 -25.86 -2.75 -53.61
CA ALA B 240 -25.74 -4.19 -53.94
C ALA B 240 -24.40 -4.56 -54.60
N VAL B 241 -23.46 -3.62 -54.61
CA VAL B 241 -22.18 -3.82 -55.28
C VAL B 241 -21.30 -4.63 -54.34
N ASN B 242 -20.57 -5.59 -54.91
CA ASN B 242 -19.56 -6.34 -54.17
C ASN B 242 -18.25 -5.56 -54.24
N TYR B 243 -17.80 -5.08 -53.09
CA TYR B 243 -16.62 -4.22 -52.98
C TYR B 243 -15.68 -4.66 -51.87
N GLY B 244 -14.54 -3.98 -51.81
CA GLY B 244 -13.57 -4.14 -50.72
C GLY B 244 -12.90 -2.83 -50.42
N VAL B 245 -12.41 -2.69 -49.19
CA VAL B 245 -11.69 -1.48 -48.75
C VAL B 245 -10.28 -1.86 -48.36
N THR B 246 -9.32 -1.09 -48.85
CA THR B 246 -7.91 -1.43 -48.69
C THR B 246 -6.98 -0.21 -48.63
N VAL B 247 -5.68 -0.51 -48.55
CA VAL B 247 -4.62 0.48 -48.43
C VAL B 247 -4.54 1.30 -49.71
N LEU B 248 -4.33 2.61 -49.58
CA LEU B 248 -4.11 3.46 -50.76
C LEU B 248 -2.84 3.02 -51.50
N PRO B 249 -2.83 3.17 -52.84
CA PRO B 249 -1.64 2.79 -53.60
C PRO B 249 -0.44 3.68 -53.27
N THR B 250 0.74 3.10 -53.48
CA THR B 250 2.02 3.74 -53.14
C THR B 250 2.64 4.40 -54.36
N PHE B 251 2.88 5.71 -54.26
CA PHE B 251 3.53 6.47 -55.29
C PHE B 251 5.03 6.56 -54.98
N LYS B 252 5.86 6.28 -55.98
CA LYS B 252 7.33 6.21 -55.81
C LYS B 252 7.76 5.26 -54.68
N GLY B 253 6.96 4.21 -54.47
CA GLY B 253 7.18 3.27 -53.36
C GLY B 253 6.82 3.75 -51.95
N GLN B 254 6.53 5.04 -51.80
CA GLN B 254 6.18 5.62 -50.49
C GLN B 254 4.66 5.70 -50.37
N PRO B 255 4.11 5.27 -49.22
CA PRO B 255 2.65 5.29 -49.06
C PRO B 255 2.03 6.66 -49.18
N SER B 256 0.80 6.68 -49.66
CA SER B 256 0.04 7.92 -49.76
C SER B 256 -0.44 8.31 -48.38
N LYS B 257 -0.55 9.62 -48.17
CA LYS B 257 -0.82 10.19 -46.85
C LYS B 257 -2.16 10.89 -46.87
N PRO B 258 -3.23 10.21 -46.42
CA PRO B 258 -4.47 10.93 -46.23
C PRO B 258 -4.37 11.90 -45.07
N PHE B 259 -5.46 12.59 -44.79
CA PHE B 259 -5.51 13.41 -43.59
C PHE B 259 -6.30 12.67 -42.53
N VAL B 260 -5.63 12.30 -41.45
CA VAL B 260 -6.29 11.58 -40.35
C VAL B 260 -7.10 12.58 -39.52
N GLY B 261 -8.40 12.34 -39.46
CA GLY B 261 -9.29 13.00 -38.50
C GLY B 261 -9.46 12.10 -37.29
N VAL B 262 -9.68 12.72 -36.15
CA VAL B 262 -9.72 12.03 -34.84
C VAL B 262 -10.84 12.61 -34.02
N LEU B 263 -11.88 11.81 -33.84
CA LEU B 263 -12.96 12.19 -32.96
C LEU B 263 -12.40 12.19 -31.56
N SER B 264 -12.59 13.30 -30.88
CA SER B 264 -12.01 13.51 -29.56
C SER B 264 -13.04 14.07 -28.61
N ALA B 265 -12.91 13.67 -27.35
CA ALA B 265 -13.67 14.25 -26.25
C ALA B 265 -12.79 15.23 -25.50
N GLY B 266 -13.29 16.44 -25.30
CA GLY B 266 -12.56 17.52 -24.62
C GLY B 266 -13.37 18.04 -23.46
N ILE B 267 -12.69 18.52 -22.43
CA ILE B 267 -13.37 19.00 -21.22
C ILE B 267 -13.43 20.51 -21.26
N ASN B 268 -14.62 21.04 -21.04
CA ASN B 268 -14.83 22.48 -20.94
C ASN B 268 -14.04 23.03 -19.76
N ALA B 269 -13.21 24.05 -20.03
CA ALA B 269 -12.38 24.68 -19.00
C ALA B 269 -13.22 25.36 -17.91
N ALA B 270 -14.39 25.83 -18.29
CA ALA B 270 -15.36 26.40 -17.32
C ALA B 270 -16.00 25.39 -16.36
N SER B 271 -15.86 24.10 -16.63
CA SER B 271 -16.54 23.05 -15.85
C SER B 271 -15.90 22.84 -14.48
N PRO B 272 -16.70 22.83 -13.40
CA PRO B 272 -16.22 22.37 -12.09
C PRO B 272 -16.04 20.86 -12.02
N ASN B 273 -16.69 20.15 -12.95
CA ASN B 273 -16.72 18.68 -12.97
C ASN B 273 -15.56 18.02 -13.73
N LYS B 274 -14.48 18.77 -13.95
CA LYS B 274 -13.30 18.28 -14.69
C LYS B 274 -12.86 16.89 -14.28
N GLU B 275 -12.71 16.67 -12.98
CA GLU B 275 -12.27 15.37 -12.46
C GLU B 275 -13.33 14.28 -12.69
N LEU B 276 -14.60 14.60 -12.45
CA LEU B 276 -15.72 13.68 -12.79
C LEU B 276 -15.69 13.25 -14.24
N ALA B 277 -15.47 14.23 -15.11
CA ALA B 277 -15.39 14.01 -16.55
C ALA B 277 -14.26 13.05 -16.89
N LYS B 278 -13.09 13.29 -16.31
CA LYS B 278 -11.92 12.42 -16.53
C LYS B 278 -12.18 10.98 -16.08
N GLU B 279 -12.83 10.84 -14.92
CA GLU B 279 -13.20 9.53 -14.35
C GLU B 279 -14.10 8.78 -15.31
N PHE B 280 -15.13 9.47 -15.76
CA PHE B 280 -16.09 8.92 -16.72
C PHE B 280 -15.45 8.52 -18.05
N LEU B 281 -14.63 9.41 -18.60
CA LEU B 281 -14.05 9.17 -19.93
C LEU B 281 -13.08 8.02 -19.93
N GLU B 282 -12.23 7.98 -18.90
CA GLU B 282 -11.18 6.99 -18.80
C GLU B 282 -11.72 5.63 -18.41
N ASN B 283 -12.46 5.59 -17.31
CA ASN B 283 -12.89 4.32 -16.71
C ASN B 283 -14.16 3.70 -17.30
N TYR B 284 -14.92 4.49 -18.04
CA TYR B 284 -16.20 4.04 -18.61
C TYR B 284 -16.27 4.11 -20.13
N LEU B 285 -16.14 5.32 -20.67
CA LEU B 285 -16.22 5.51 -22.12
C LEU B 285 -15.12 4.76 -22.84
N LEU B 286 -13.88 5.05 -22.50
CA LEU B 286 -12.72 4.45 -23.17
C LEU B 286 -12.39 3.10 -22.57
N THR B 287 -13.24 2.13 -22.91
CA THR B 287 -13.09 0.74 -22.52
C THR B 287 -13.63 -0.08 -23.67
N ASP B 288 -13.33 -1.37 -23.67
CA ASP B 288 -13.94 -2.26 -24.67
C ASP B 288 -15.47 -2.21 -24.56
N GLU B 289 -15.97 -2.18 -23.33
CA GLU B 289 -17.42 -2.23 -23.05
C GLU B 289 -18.13 -0.98 -23.54
N GLY B 290 -17.58 0.16 -23.15
CA GLY B 290 -18.17 1.47 -23.47
C GLY B 290 -18.14 1.77 -24.96
N LEU B 291 -16.97 1.61 -25.57
CA LEU B 291 -16.81 1.81 -27.02
C LEU B 291 -17.63 0.83 -27.87
N GLU B 292 -17.82 -0.39 -27.37
CA GLU B 292 -18.67 -1.39 -28.04
C GLU B 292 -20.14 -0.96 -28.01
N ALA B 293 -20.61 -0.62 -26.83
CA ALA B 293 -21.98 -0.09 -26.62
C ALA B 293 -22.28 1.13 -27.50
N VAL B 294 -21.30 2.02 -27.63
CA VAL B 294 -21.40 3.18 -28.53
C VAL B 294 -21.44 2.75 -29.99
N ASN B 295 -20.51 1.87 -30.36
CA ASN B 295 -20.36 1.38 -31.75
C ASN B 295 -21.60 0.67 -32.29
N LYS B 296 -22.32 -0.01 -31.40
CA LYS B 296 -23.58 -0.70 -31.75
C LYS B 296 -24.62 0.29 -32.30
N ASP B 297 -24.75 1.42 -31.64
CA ASP B 297 -25.73 2.44 -32.04
C ASP B 297 -25.41 3.01 -33.43
N LYS B 298 -24.15 3.38 -33.64
CA LYS B 298 -23.66 3.87 -34.95
C LYS B 298 -22.16 3.65 -35.06
N PRO B 299 -21.65 3.25 -36.25
CA PRO B 299 -20.23 2.90 -36.36
C PRO B 299 -19.27 4.05 -36.05
N LEU B 300 -18.19 3.71 -35.37
CA LEU B 300 -17.11 4.67 -35.07
C LEU B 300 -15.95 4.54 -36.04
N GLY B 301 -16.02 3.55 -36.92
CA GLY B 301 -14.89 3.17 -37.76
C GLY B 301 -13.76 2.65 -36.87
N ALA B 302 -12.55 3.08 -37.19
CA ALA B 302 -11.38 2.75 -36.36
C ALA B 302 -11.39 3.58 -35.07
N VAL B 303 -10.88 2.98 -33.99
CA VAL B 303 -10.83 3.64 -32.66
C VAL B 303 -9.41 3.74 -32.08
N ALA B 304 -9.25 4.67 -31.14
CA ALA B 304 -7.94 4.95 -30.52
C ALA B 304 -7.53 3.88 -29.50
N LEU B 305 -8.51 3.27 -28.85
CA LEU B 305 -8.26 2.22 -27.84
C LEU B 305 -7.77 0.93 -28.49
N LYS B 306 -6.54 0.54 -28.14
CA LYS B 306 -5.85 -0.61 -28.76
C LYS B 306 -6.62 -1.91 -28.62
N SER B 307 -7.13 -2.15 -27.42
CA SER B 307 -7.83 -3.41 -27.09
C SER B 307 -9.07 -3.63 -27.96
N TYR B 308 -9.91 -2.60 -28.05
CA TYR B 308 -11.13 -2.66 -28.87
C TYR B 308 -10.85 -2.57 -30.37
N GLU B 309 -9.73 -1.92 -30.71
CA GLU B 309 -9.31 -1.73 -32.11
C GLU B 309 -8.67 -2.98 -32.71
N GLU B 310 -8.16 -3.87 -31.87
CA GLU B 310 -7.74 -5.18 -32.36
C GLU B 310 -8.98 -6.01 -32.76
N GLU B 311 -10.04 -5.92 -31.96
CA GLU B 311 -11.30 -6.64 -32.24
C GLU B 311 -12.03 -6.09 -33.47
N LEU B 312 -12.18 -4.77 -33.54
CA LEU B 312 -12.72 -4.12 -34.75
C LEU B 312 -11.87 -4.37 -36.01
N ALA B 313 -10.57 -4.58 -35.82
CA ALA B 313 -9.63 -4.94 -36.92
C ALA B 313 -9.89 -6.30 -37.57
N LYS B 314 -10.63 -7.17 -36.88
CA LYS B 314 -11.14 -8.43 -37.48
C LYS B 314 -11.94 -8.15 -38.77
N ASP B 315 -12.56 -6.96 -38.83
CA ASP B 315 -13.09 -6.41 -40.09
C ASP B 315 -11.93 -5.78 -40.89
N PRO B 316 -11.65 -6.29 -42.12
CA PRO B 316 -10.55 -5.74 -42.92
C PRO B 316 -10.74 -4.30 -43.44
N ARG B 317 -11.99 -3.84 -43.50
CA ARG B 317 -12.30 -2.46 -43.91
C ARG B 317 -11.79 -1.45 -42.87
N ILE B 318 -12.20 -1.67 -41.63
CA ILE B 318 -11.75 -0.87 -40.49
C ILE B 318 -10.22 -0.97 -40.35
N ALA B 319 -9.69 -2.18 -40.51
CA ALA B 319 -8.23 -2.41 -40.49
C ALA B 319 -7.50 -1.58 -41.55
N ALA B 320 -8.10 -1.51 -42.74
CA ALA B 320 -7.58 -0.67 -43.84
C ALA B 320 -7.63 0.81 -43.51
N THR B 321 -8.72 1.25 -42.90
CA THR B 321 -8.89 2.65 -42.44
C THR B 321 -7.76 3.04 -41.48
N MET B 322 -7.57 2.21 -40.45
CA MET B 322 -6.49 2.39 -39.48
C MET B 322 -5.10 2.35 -40.14
N GLU B 323 -4.91 1.44 -41.08
CA GLU B 323 -3.61 1.30 -41.79
C GLU B 323 -3.26 2.61 -42.49
N ASN B 324 -4.18 3.09 -43.31
CA ASN B 324 -4.03 4.37 -44.02
C ASN B 324 -3.85 5.56 -43.08
N ALA B 325 -4.54 5.52 -41.93
CA ALA B 325 -4.40 6.54 -40.90
C ALA B 325 -2.96 6.62 -40.39
N GLN B 326 -2.41 5.47 -40.03
CA GLN B 326 -1.01 5.39 -39.56
C GLN B 326 0.00 5.78 -40.65
N LYS B 327 -0.35 5.51 -41.91
CA LYS B 327 0.43 5.96 -43.07
C LYS B 327 0.25 7.47 -43.32
N GLY B 328 -0.89 8.00 -42.92
CA GLY B 328 -1.26 9.39 -43.16
C GLY B 328 -0.63 10.40 -42.22
N GLU B 329 -1.23 11.58 -42.17
CA GLU B 329 -0.71 12.68 -41.37
C GLU B 329 -1.83 13.48 -40.70
N ILE B 330 -1.64 13.70 -39.41
CA ILE B 330 -2.69 14.24 -38.54
C ILE B 330 -3.11 15.59 -39.11
N MET B 331 -4.43 15.80 -39.22
CA MET B 331 -4.99 17.09 -39.63
C MET B 331 -4.54 18.19 -38.66
N PRO B 332 -3.76 19.17 -39.13
CA PRO B 332 -3.37 20.26 -38.24
C PRO B 332 -4.56 21.07 -37.72
N ASN B 333 -4.53 21.37 -36.42
CA ASN B 333 -5.60 22.14 -35.74
C ASN B 333 -5.38 23.67 -35.70
N ILE B 334 -4.26 24.12 -36.23
CA ILE B 334 -3.90 25.56 -36.23
C ILE B 334 -4.77 26.38 -37.22
N PRO B 335 -4.98 27.68 -36.94
CA PRO B 335 -5.89 28.49 -37.78
C PRO B 335 -5.44 28.71 -39.23
N GLN B 336 -4.13 28.72 -39.47
CA GLN B 336 -3.60 28.96 -40.83
C GLN B 336 -4.00 27.85 -41.83
N MET B 337 -4.51 26.74 -41.31
CA MET B 337 -5.15 25.72 -42.15
C MET B 337 -6.24 26.28 -43.10
N SER B 338 -6.95 27.32 -42.67
CA SER B 338 -7.93 28.03 -43.51
C SER B 338 -7.28 28.53 -44.80
N ALA B 339 -6.13 29.16 -44.62
CA ALA B 339 -5.31 29.64 -45.73
C ALA B 339 -4.75 28.50 -46.59
N PHE B 340 -4.41 27.37 -45.94
CA PHE B 340 -3.94 26.16 -46.65
C PHE B 340 -4.96 25.69 -47.70
N TRP B 341 -6.13 25.28 -47.23
CA TRP B 341 -7.18 24.74 -48.10
C TRP B 341 -7.43 25.61 -49.32
N TYR B 342 -7.84 26.85 -49.05
CA TYR B 342 -8.22 27.79 -50.11
C TYR B 342 -7.08 28.07 -51.10
N ALA B 343 -5.85 28.07 -50.62
CA ALA B 343 -4.65 28.25 -51.48
C ALA B 343 -4.27 27.01 -52.28
N VAL B 344 -4.59 25.83 -51.76
CA VAL B 344 -4.34 24.56 -52.45
C VAL B 344 -5.47 24.24 -53.43
N ARG B 345 -6.70 24.31 -52.91
CA ARG B 345 -7.96 24.06 -53.66
C ARG B 345 -7.95 24.67 -55.05
N THR B 346 -7.64 25.96 -55.09
CA THR B 346 -7.59 26.70 -56.36
C THR B 346 -6.36 26.37 -57.21
N ALA B 347 -5.25 26.03 -56.57
CA ALA B 347 -4.00 25.66 -57.28
C ALA B 347 -4.12 24.38 -58.11
N VAL B 348 -4.47 23.28 -57.44
CA VAL B 348 -4.71 21.97 -58.12
C VAL B 348 -5.68 22.09 -59.31
N ILE B 349 -6.77 22.85 -59.13
CA ILE B 349 -7.76 23.12 -60.22
C ILE B 349 -7.09 23.76 -61.43
N ASN B 350 -6.31 24.80 -61.17
CA ASN B 350 -5.55 25.50 -62.23
C ASN B 350 -4.43 24.66 -62.83
N ALA B 351 -3.92 23.72 -62.05
CA ALA B 351 -2.99 22.71 -62.55
C ALA B 351 -3.71 21.57 -63.30
N ALA B 352 -5.00 21.41 -63.01
CA ALA B 352 -5.83 20.35 -63.60
C ALA B 352 -6.27 20.73 -65.01
N SER B 353 -7.00 21.84 -65.11
CA SER B 353 -7.43 22.39 -66.41
C SER B 353 -6.24 22.73 -67.32
N GLY B 354 -5.12 23.09 -66.69
CA GLY B 354 -3.90 23.47 -67.39
C GLY B 354 -3.83 24.98 -67.61
N ARG B 355 -4.67 25.71 -66.88
CA ARG B 355 -4.72 27.20 -66.94
C ARG B 355 -3.49 27.88 -66.32
N GLN B 356 -2.67 27.06 -65.66
CA GLN B 356 -1.28 27.40 -65.42
C GLN B 356 -0.52 26.08 -65.26
N THR B 357 0.80 26.19 -65.12
CA THR B 357 1.67 25.02 -65.03
C THR B 357 1.76 24.52 -63.59
N VAL B 358 2.47 23.41 -63.39
CA VAL B 358 2.57 22.74 -62.08
C VAL B 358 3.33 23.60 -61.08
N ASP B 359 4.54 24.01 -61.45
CA ASP B 359 5.41 24.78 -60.55
C ASP B 359 4.88 26.19 -60.27
N ALA B 360 4.20 26.76 -61.25
CA ALA B 360 3.54 28.06 -61.10
C ALA B 360 2.42 27.99 -60.05
N ALA B 361 1.53 27.01 -60.23
CA ALA B 361 0.40 26.78 -59.30
C ALA B 361 0.86 26.44 -57.89
N LEU B 362 1.87 25.57 -57.80
CA LEU B 362 2.39 25.11 -56.50
C LEU B 362 3.26 26.14 -55.79
N ALA B 363 4.01 26.95 -56.53
CA ALA B 363 4.72 28.10 -55.94
C ALA B 363 3.74 29.18 -55.44
N ALA B 364 2.73 29.47 -56.26
CA ALA B 364 1.64 30.41 -55.89
C ALA B 364 0.96 29.99 -54.59
N ALA B 365 0.55 28.73 -54.55
CA ALA B 365 -0.04 28.11 -53.35
C ALA B 365 0.93 28.07 -52.15
N GLN B 366 2.18 27.75 -52.43
CA GLN B 366 3.25 27.67 -51.41
C GLN B 366 3.37 28.96 -50.63
N THR B 367 3.48 30.06 -51.37
CA THR B 367 3.66 31.38 -50.77
C THR B 367 2.36 32.06 -50.27
N ASN B 368 1.22 31.66 -50.83
CA ASN B 368 -0.09 32.22 -50.41
C ASN B 368 -0.50 31.72 -49.03
N ALA B 369 -0.31 30.42 -48.83
CA ALA B 369 -0.49 29.78 -47.52
C ALA B 369 0.89 29.56 -46.90
N ALA B 370 1.34 30.59 -46.22
CA ALA B 370 2.62 30.61 -45.53
C ALA B 370 2.68 31.94 -44.80
N ALA B 371 3.43 31.97 -43.72
CA ALA B 371 3.47 33.12 -42.84
C ALA B 371 4.63 34.01 -43.21
N GLU B 372 4.34 35.24 -43.62
CA GLU B 372 5.37 36.28 -43.62
C GLU B 372 4.97 37.33 -42.59
N PHE B 373 5.78 37.43 -41.53
CA PHE B 373 5.56 38.34 -40.43
C PHE B 373 6.56 39.45 -40.50
N MET B 374 6.18 40.65 -40.15
CA MET B 374 7.03 41.81 -40.32
C MET B 374 8.27 41.71 -39.54
N ASP B 375 9.04 42.79 -39.56
CA ASP B 375 10.12 43.02 -38.60
C ASP B 375 9.61 43.93 -37.48
N PRO B 376 10.00 43.65 -36.20
CA PRO B 376 9.51 44.47 -35.08
C PRO B 376 9.87 45.95 -35.17
N ALA B 377 11.14 46.20 -35.47
CA ALA B 377 11.66 47.56 -35.59
C ALA B 377 11.05 48.29 -36.78
N THR B 378 10.85 47.56 -37.87
CA THR B 378 10.18 48.10 -39.06
C THR B 378 8.74 48.51 -38.72
N PHE B 379 8.01 47.62 -38.03
CA PHE B 379 6.64 47.93 -37.57
C PHE B 379 6.62 49.14 -36.65
N THR B 380 7.50 49.13 -35.66
CA THR B 380 7.61 50.20 -34.67
C THR B 380 7.89 51.55 -35.34
N TYR B 381 8.79 51.52 -36.31
CA TYR B 381 9.18 52.72 -37.05
C TYR B 381 8.10 53.20 -38.02
N GLN B 382 7.44 52.28 -38.71
CA GLN B 382 6.48 52.66 -39.76
C GLN B 382 5.10 53.05 -39.22
N PHE B 383 4.66 52.45 -38.13
CA PHE B 383 3.29 52.67 -37.63
C PHE B 383 3.11 53.73 -36.53
N LYS B 384 4.17 54.43 -36.15
CA LYS B 384 4.04 55.51 -35.14
C LYS B 384 3.16 56.65 -35.64
N ASN B 385 2.07 56.90 -34.93
CA ASN B 385 1.24 58.10 -35.18
C ASN B 385 1.61 59.26 -34.25
N VAL B 386 2.43 60.15 -34.77
CA VAL B 386 2.85 61.38 -34.06
C VAL B 386 2.89 62.55 -35.04
N ARG B 387 3.13 63.74 -34.50
CA ARG B 387 3.56 64.89 -35.30
C ARG B 387 5.00 64.58 -35.71
N TRP B 388 5.58 65.36 -36.64
CA TRP B 388 6.93 65.08 -37.21
C TRP B 388 7.13 63.66 -37.82
N ALA B 389 6.04 62.90 -37.99
CA ALA B 389 6.05 61.59 -38.67
C ALA B 389 5.71 61.74 -40.15
N LYS B 390 5.56 63.00 -40.59
CA LYS B 390 5.54 63.35 -42.03
C LYS B 390 6.83 62.96 -42.76
N GLY B 391 7.93 62.80 -42.03
CA GLY B 391 9.22 62.36 -42.57
C GLY B 391 9.28 60.99 -43.24
N ARG B 392 8.58 60.01 -42.68
CA ARG B 392 8.60 58.62 -43.20
C ARG B 392 8.00 58.49 -44.62
N ARG B 393 8.66 57.74 -45.51
CA ARG B 393 8.35 57.71 -46.96
C ARG B 393 7.32 56.73 -47.53
N GLU B 394 7.44 55.45 -47.19
CA GLU B 394 6.73 54.39 -47.92
C GLU B 394 5.63 53.81 -47.01
N THR B 395 4.37 53.91 -47.45
CA THR B 395 3.24 53.30 -46.72
C THR B 395 3.36 51.78 -46.58
N TYR B 396 2.92 51.28 -45.42
CA TYR B 396 2.78 49.85 -45.12
C TYR B 396 1.31 49.49 -44.92
N LEU B 397 0.98 48.25 -45.23
CA LEU B 397 -0.39 47.76 -45.18
C LEU B 397 -0.43 46.32 -44.71
N CYS B 398 -1.00 46.12 -43.53
CA CYS B 398 -1.29 44.78 -43.01
C CYS B 398 -2.72 44.42 -43.35
N TYR B 399 -2.93 43.22 -43.86
CA TYR B 399 -4.25 42.83 -44.36
C TYR B 399 -4.72 41.50 -43.80
N VAL B 400 -6.03 41.44 -43.59
CA VAL B 400 -6.73 40.19 -43.27
C VAL B 400 -7.96 40.00 -44.15
N VAL B 401 -8.01 38.85 -44.81
CA VAL B 401 -9.13 38.44 -45.68
C VAL B 401 -10.04 37.49 -44.89
N LYS B 402 -11.22 37.97 -44.52
CA LYS B 402 -12.19 37.18 -43.74
C LYS B 402 -13.43 36.85 -44.61
N ARG B 403 -14.40 36.15 -44.03
CA ARG B 403 -15.67 35.81 -44.70
C ARG B 403 -16.84 35.98 -43.74
N SER B 409 -17.44 35.55 -39.29
CA SER B 409 -16.11 35.06 -39.60
C SER B 409 -16.14 33.60 -40.04
N GLU B 410 -15.33 33.25 -41.03
CA GLU B 410 -15.22 31.85 -41.51
C GLU B 410 -13.77 31.43 -41.79
N SER B 411 -13.15 32.06 -42.79
CA SER B 411 -11.79 31.71 -43.25
C SER B 411 -10.88 32.93 -43.25
N LEU B 412 -9.59 32.70 -43.46
CA LEU B 412 -8.56 33.71 -43.25
C LEU B 412 -7.48 33.73 -44.35
N ASP B 413 -6.90 34.91 -44.50
CA ASP B 413 -5.53 35.06 -45.02
C ASP B 413 -4.91 36.33 -44.43
N PHE B 414 -3.69 36.20 -43.94
CA PHE B 414 -2.98 37.33 -43.31
C PHE B 414 -1.78 37.70 -44.15
N GLY B 415 -1.31 38.92 -43.93
CA GLY B 415 -0.05 39.37 -44.52
C GLY B 415 0.17 40.85 -44.40
N TYR B 416 1.23 41.29 -45.04
CA TYR B 416 1.54 42.71 -45.14
C TYR B 416 2.21 43.03 -46.47
N LEU B 417 1.97 44.25 -46.93
CA LEU B 417 2.54 44.79 -48.17
C LEU B 417 3.20 46.13 -47.90
N ARG B 418 4.24 46.44 -48.67
CA ARG B 418 4.86 47.76 -48.67
C ARG B 418 4.97 48.29 -50.09
N ASN B 419 5.28 49.58 -50.19
CA ASN B 419 5.52 50.22 -51.49
C ASN B 419 6.67 49.53 -52.22
N LYS B 420 6.37 49.01 -53.41
CA LYS B 420 7.40 48.50 -54.32
C LYS B 420 7.89 49.65 -55.21
N ASN B 421 8.53 49.34 -56.34
CA ASN B 421 8.83 50.35 -57.36
C ASN B 421 7.53 50.87 -57.95
N GLY B 422 7.27 52.15 -57.73
CA GLY B 422 5.95 52.74 -57.93
C GLY B 422 4.91 52.05 -57.07
N CYS B 423 3.68 51.99 -57.57
CA CYS B 423 2.63 51.10 -57.03
C CYS B 423 2.38 51.32 -55.54
N HIS B 424 1.67 52.40 -55.25
CA HIS B 424 1.16 52.66 -53.91
C HIS B 424 0.47 51.39 -53.40
N VAL B 425 0.69 51.08 -52.12
CA VAL B 425 0.29 49.77 -51.54
C VAL B 425 -1.15 49.32 -51.77
N GLU B 426 -2.04 50.29 -51.91
CA GLU B 426 -3.46 50.04 -52.08
C GLU B 426 -3.65 49.40 -53.45
N LEU B 427 -3.00 50.00 -54.44
CA LEU B 427 -2.99 49.49 -55.82
C LEU B 427 -2.37 48.10 -55.92
N LEU B 428 -1.29 47.90 -55.17
CA LEU B 428 -0.70 46.57 -55.06
C LEU B 428 -1.68 45.53 -54.53
N PHE B 429 -2.35 45.93 -53.45
CA PHE B 429 -3.31 45.06 -52.80
C PHE B 429 -4.44 44.68 -53.75
N LEU B 430 -4.97 45.68 -54.43
CA LEU B 430 -5.99 45.46 -55.46
C LEU B 430 -5.52 44.47 -56.51
N ARG B 431 -4.30 44.67 -57.00
CA ARG B 431 -3.62 43.71 -57.90
C ARG B 431 -3.42 42.31 -57.30
N TYR B 432 -3.12 42.26 -56.00
CA TYR B 432 -2.95 40.99 -55.26
C TYR B 432 -4.25 40.21 -55.16
N ILE B 433 -5.30 40.89 -54.71
CA ILE B 433 -6.64 40.29 -54.57
C ILE B 433 -7.34 40.02 -55.91
N SER B 434 -7.11 40.88 -56.90
CA SER B 434 -7.66 40.71 -58.27
C SER B 434 -7.21 39.42 -58.97
N ASP B 435 -5.92 39.13 -58.88
CA ASP B 435 -5.35 37.81 -59.27
C ASP B 435 -6.09 36.69 -58.57
N TRP B 436 -6.48 36.97 -57.33
CA TRP B 436 -7.27 36.07 -56.54
C TRP B 436 -8.73 36.09 -56.96
N ASP B 437 -9.18 34.95 -57.49
CA ASP B 437 -10.56 34.79 -57.92
C ASP B 437 -11.49 34.90 -56.72
N LEU B 438 -12.77 35.02 -57.00
CA LEU B 438 -13.78 35.22 -55.97
C LEU B 438 -15.12 34.79 -56.51
N ASP B 439 -15.94 34.23 -55.64
CA ASP B 439 -17.31 33.87 -55.98
C ASP B 439 -18.21 35.05 -55.64
N PRO B 440 -18.83 35.69 -56.66
CA PRO B 440 -19.79 36.76 -56.36
C PRO B 440 -21.04 36.30 -55.59
N GLY B 441 -21.30 34.99 -55.58
CA GLY B 441 -22.29 34.40 -54.68
C GLY B 441 -21.92 34.53 -53.21
N ARG B 442 -20.65 34.28 -52.90
CA ARG B 442 -20.12 34.36 -51.53
C ARG B 442 -19.79 35.80 -51.13
N CYS B 443 -19.69 36.02 -49.82
CA CYS B 443 -19.32 37.33 -49.25
C CYS B 443 -18.01 37.27 -48.47
N TYR B 444 -17.16 38.26 -48.70
CA TYR B 444 -15.82 38.35 -48.08
C TYR B 444 -15.70 39.69 -47.30
N ARG B 445 -14.92 39.68 -46.23
CA ARG B 445 -14.72 40.87 -45.36
C ARG B 445 -13.23 41.17 -45.13
N VAL B 446 -12.76 42.27 -45.71
CA VAL B 446 -11.33 42.60 -45.77
C VAL B 446 -11.03 43.74 -44.78
N THR B 447 -9.97 43.56 -44.02
CA THR B 447 -9.54 44.55 -43.02
C THR B 447 -8.10 45.00 -43.29
N TRP B 448 -7.91 46.31 -43.22
CA TRP B 448 -6.62 46.95 -43.47
C TRP B 448 -6.10 47.61 -42.21
N PHE B 449 -4.78 47.59 -42.06
CA PHE B 449 -4.08 48.42 -41.08
C PHE B 449 -2.94 49.12 -41.80
N THR B 450 -3.04 50.44 -41.93
CA THR B 450 -2.11 51.19 -42.78
C THR B 450 -1.33 52.27 -42.00
N SER B 451 -0.09 52.49 -42.42
CA SER B 451 0.75 53.58 -41.89
C SER B 451 0.04 54.90 -42.15
N TRP B 452 -0.06 55.23 -43.44
CA TRP B 452 -0.71 56.43 -43.91
C TRP B 452 -2.11 56.09 -44.39
N SER B 453 -2.86 57.14 -44.70
CA SER B 453 -4.19 56.99 -45.28
C SER B 453 -4.01 56.62 -46.76
N PRO B 454 -5.11 56.48 -47.52
CA PRO B 454 -4.96 56.36 -48.94
C PRO B 454 -4.85 57.75 -49.57
N CYS B 455 -4.21 57.81 -50.72
CA CYS B 455 -4.15 59.05 -51.51
C CYS B 455 -5.31 59.12 -52.49
N TYR B 456 -5.66 60.34 -52.90
CA TYR B 456 -6.80 60.61 -53.80
C TYR B 456 -6.92 59.66 -54.99
N ASP B 457 -5.80 59.41 -55.68
CA ASP B 457 -5.79 58.45 -56.79
C ASP B 457 -6.08 57.05 -56.21
N CYS B 458 -5.20 56.60 -55.32
CA CYS B 458 -5.40 55.34 -54.59
C CYS B 458 -6.80 55.23 -54.02
N ALA B 459 -7.27 56.33 -53.45
CA ALA B 459 -8.62 56.45 -52.91
C ALA B 459 -9.64 56.22 -54.02
N ARG B 460 -9.52 57.03 -55.08
CA ARG B 460 -10.41 56.93 -56.26
C ARG B 460 -10.54 55.50 -56.75
N HIS B 461 -9.42 54.89 -57.11
CA HIS B 461 -9.39 53.50 -57.64
C HIS B 461 -10.08 52.50 -56.71
N VAL B 462 -9.71 52.52 -55.43
CA VAL B 462 -10.29 51.61 -54.42
C VAL B 462 -11.81 51.74 -54.32
N ALA B 463 -12.30 52.97 -54.33
CA ALA B 463 -13.76 53.23 -54.32
C ALA B 463 -14.44 52.61 -55.54
N ASP B 464 -13.82 52.81 -56.71
CA ASP B 464 -14.28 52.17 -57.97
C ASP B 464 -14.33 50.65 -57.83
N PHE B 465 -13.23 50.07 -57.33
CA PHE B 465 -13.12 48.62 -57.10
C PHE B 465 -14.22 48.11 -56.18
N LEU B 466 -14.50 48.87 -55.12
CA LEU B 466 -15.55 48.53 -54.17
C LEU B 466 -16.95 48.56 -54.80
N ARG B 467 -17.17 49.55 -55.66
CA ARG B 467 -18.43 49.66 -56.40
C ARG B 467 -18.59 48.50 -57.38
N GLY B 468 -17.50 48.16 -58.06
CA GLY B 468 -17.48 47.05 -59.04
C GLY B 468 -17.65 45.67 -58.41
N ASN B 469 -17.24 45.54 -57.15
CA ASN B 469 -17.39 44.31 -56.36
C ASN B 469 -18.25 44.60 -55.12
N PRO B 470 -19.59 44.67 -55.30
CA PRO B 470 -20.49 45.00 -54.18
C PRO B 470 -20.62 43.90 -53.12
N ASN B 471 -20.24 42.68 -53.48
CA ASN B 471 -20.06 41.57 -52.50
C ASN B 471 -19.01 41.84 -51.40
N LEU B 472 -17.98 42.62 -51.74
CA LEU B 472 -16.88 42.94 -50.80
C LEU B 472 -17.24 44.06 -49.85
N SER B 473 -16.75 43.95 -48.62
CA SER B 473 -16.89 44.97 -47.57
C SER B 473 -15.54 45.28 -46.94
N LEU B 474 -15.15 46.56 -46.94
CA LEU B 474 -13.81 46.99 -46.50
C LEU B 474 -13.89 47.89 -45.28
N ARG B 475 -12.95 47.67 -44.38
CA ARG B 475 -12.69 48.58 -43.27
C ARG B 475 -11.19 48.87 -43.16
N ILE B 476 -10.89 50.11 -42.83
CA ILE B 476 -9.51 50.59 -42.84
C ILE B 476 -9.19 51.22 -41.50
N PHE B 477 -8.15 50.71 -40.86
CA PHE B 477 -7.57 51.30 -39.66
C PHE B 477 -6.23 51.91 -40.03
N THR B 478 -6.11 53.22 -39.87
CA THR B 478 -4.89 53.93 -40.29
C THR B 478 -4.24 54.65 -39.12
N ALA B 479 -2.92 54.60 -39.06
CA ALA B 479 -2.16 55.34 -38.03
C ALA B 479 -2.22 56.85 -38.28
N ARG B 480 -1.88 57.26 -39.50
CA ARG B 480 -1.83 58.69 -39.86
C ARG B 480 -2.60 59.02 -41.13
N LEU B 481 -2.87 60.32 -41.29
CA LEU B 481 -3.56 60.85 -42.45
C LEU B 481 -2.53 61.51 -43.36
N TYR B 482 -2.60 61.22 -44.66
CA TYR B 482 -1.65 61.72 -45.66
C TYR B 482 -2.23 62.88 -46.48
N PHE B 483 -1.39 63.88 -46.77
CA PHE B 483 -1.69 64.95 -47.75
C PHE B 483 -0.41 65.38 -48.49
N CYS B 484 -0.58 66.29 -49.46
CA CYS B 484 0.52 66.83 -50.28
C CYS B 484 0.02 67.84 -51.32
N LYS B 488 -7.91 70.26 -49.78
CA LYS B 488 -8.84 70.02 -50.88
C LYS B 488 -8.98 68.54 -51.24
N ALA B 489 -7.85 67.92 -51.59
CA ALA B 489 -7.84 66.64 -52.32
C ALA B 489 -8.10 65.38 -51.48
N GLU B 490 -7.19 65.06 -50.57
CA GLU B 490 -7.20 63.77 -49.86
C GLU B 490 -8.41 63.58 -48.96
N PRO B 491 -8.85 64.64 -48.24
CA PRO B 491 -10.07 64.52 -47.48
C PRO B 491 -11.31 64.15 -48.29
N GLU B 492 -11.48 64.80 -49.45
CA GLU B 492 -12.54 64.40 -50.37
C GLU B 492 -12.33 62.93 -50.68
N GLY B 493 -11.13 62.58 -51.15
CA GLY B 493 -10.83 61.17 -51.47
C GLY B 493 -11.36 60.22 -50.41
N LEU B 494 -11.10 60.57 -49.15
CA LEU B 494 -11.64 59.84 -47.99
C LEU B 494 -13.17 59.92 -47.86
N ARG B 495 -13.74 61.03 -48.33
CA ARG B 495 -15.21 61.18 -48.42
C ARG B 495 -15.80 60.34 -49.52
N ARG B 496 -15.08 60.18 -50.63
CA ARG B 496 -15.56 59.21 -51.58
C ARG B 496 -15.66 57.89 -50.83
N LEU B 497 -14.53 57.45 -50.30
CA LEU B 497 -14.46 56.12 -49.68
C LEU B 497 -15.55 56.00 -48.61
N ALA B 498 -15.84 57.11 -47.96
CA ALA B 498 -16.95 57.21 -47.00
C ALA B 498 -18.29 56.83 -47.64
N GLU B 499 -18.68 57.56 -48.67
CA GLU B 499 -19.94 57.30 -49.42
C GLU B 499 -19.91 55.97 -50.18
N ALA B 500 -18.72 55.46 -50.47
CA ALA B 500 -18.55 54.12 -51.05
C ALA B 500 -18.86 52.98 -50.07
N GLY B 501 -19.02 53.30 -48.79
CA GLY B 501 -19.36 52.31 -47.75
C GLY B 501 -18.17 51.71 -47.02
N VAL B 502 -16.99 52.31 -47.21
CA VAL B 502 -15.79 51.92 -46.45
C VAL B 502 -15.86 52.54 -45.05
N GLN B 503 -15.58 51.71 -44.04
CA GLN B 503 -15.49 52.16 -42.64
C GLN B 503 -14.06 52.54 -42.31
N ILE B 504 -13.80 53.84 -42.22
CA ILE B 504 -12.45 54.35 -42.02
C ILE B 504 -12.31 54.78 -40.57
N ALA B 505 -11.25 54.29 -39.93
CA ALA B 505 -10.97 54.59 -38.52
C ALA B 505 -9.48 54.80 -38.28
N ILE B 506 -9.19 55.38 -37.14
CA ILE B 506 -7.81 55.60 -36.71
C ILE B 506 -7.44 54.59 -35.62
N MET B 507 -6.22 54.08 -35.73
CA MET B 507 -5.72 53.02 -34.86
C MET B 507 -5.62 53.50 -33.41
N THR B 508 -6.41 52.87 -32.55
CA THR B 508 -6.34 53.04 -31.10
C THR B 508 -5.35 52.01 -30.53
N TYR B 509 -5.12 52.08 -29.22
CA TYR B 509 -4.22 51.13 -28.54
C TYR B 509 -4.56 49.66 -28.80
N LYS B 510 -5.84 49.33 -28.70
CA LYS B 510 -6.31 47.95 -28.97
C LYS B 510 -5.92 47.47 -30.38
N ASP B 511 -5.96 48.38 -31.34
CA ASP B 511 -5.59 48.09 -32.72
C ASP B 511 -4.08 47.83 -32.86
N TYR B 512 -3.28 48.63 -32.17
CA TYR B 512 -1.82 48.44 -32.11
C TYR B 512 -1.45 47.11 -31.46
N GLU B 513 -2.16 46.77 -30.40
CA GLU B 513 -1.99 45.48 -29.73
C GLU B 513 -2.28 44.36 -30.71
N TYR B 514 -3.41 44.48 -31.39
CA TYR B 514 -3.84 43.46 -32.35
C TYR B 514 -2.77 43.23 -33.41
N CYS B 515 -2.37 44.31 -34.05
CA CYS B 515 -1.31 44.28 -35.06
C CYS B 515 -0.02 43.67 -34.52
N TRP B 516 0.35 44.08 -33.32
CA TRP B 516 1.59 43.60 -32.69
C TRP B 516 1.58 42.09 -32.47
N ASN B 517 0.41 41.55 -32.15
CA ASN B 517 0.24 40.11 -31.90
C ASN B 517 -0.18 39.28 -33.12
N THR B 518 -0.39 39.95 -34.24
CA THR B 518 -0.93 39.31 -35.45
C THR B 518 0.08 39.30 -36.59
N PHE B 519 0.47 40.49 -37.05
CA PHE B 519 1.28 40.63 -38.28
C PHE B 519 2.79 40.73 -38.05
N VAL B 520 3.20 40.88 -36.79
CA VAL B 520 4.61 41.16 -36.46
C VAL B 520 5.23 39.95 -35.79
N GLU B 521 6.52 39.72 -36.10
CA GLU B 521 7.31 38.72 -35.38
C GLU B 521 7.95 39.40 -34.19
N ASN B 522 7.39 39.15 -33.01
CA ASN B 522 7.81 39.80 -31.76
C ASN B 522 8.77 38.97 -30.91
N HIS B 523 9.05 37.74 -31.32
CA HIS B 523 9.79 36.77 -30.49
C HIS B 523 9.17 36.62 -29.09
N GLU B 524 7.84 36.55 -29.08
CA GLU B 524 7.01 36.44 -27.86
C GLU B 524 7.26 37.57 -26.85
N ARG B 525 7.42 38.79 -27.37
CA ARG B 525 7.55 39.99 -26.55
C ARG B 525 6.25 40.76 -26.54
N THR B 526 5.94 41.38 -25.41
CA THR B 526 4.69 42.14 -25.24
C THR B 526 4.76 43.44 -26.04
N PHE B 527 3.63 44.13 -26.14
CA PHE B 527 3.60 45.43 -26.82
C PHE B 527 3.93 46.59 -25.86
N LYS B 528 4.99 47.31 -26.19
CA LYS B 528 5.42 48.51 -25.46
C LYS B 528 4.90 49.78 -26.12
N ALA B 529 3.98 50.46 -25.44
CA ALA B 529 3.41 51.71 -25.91
C ALA B 529 4.44 52.84 -25.85
N TRP B 530 4.73 53.45 -26.99
CA TRP B 530 5.64 54.61 -27.06
C TRP B 530 4.90 55.87 -26.60
N GLU B 531 5.64 56.89 -26.18
CA GLU B 531 5.05 58.05 -25.50
C GLU B 531 4.19 58.91 -26.43
N GLY B 532 2.97 59.19 -25.99
CA GLY B 532 2.03 60.05 -26.71
C GLY B 532 1.19 59.34 -27.75
N LEU B 533 0.93 58.06 -27.53
CA LEU B 533 0.17 57.25 -28.48
C LEU B 533 -1.31 57.61 -28.47
N HIS B 534 -1.90 57.56 -27.28
CA HIS B 534 -3.34 57.84 -27.11
C HIS B 534 -3.70 59.27 -27.50
N GLU B 535 -2.86 60.21 -27.09
CA GLU B 535 -3.03 61.63 -27.37
C GLU B 535 -3.15 61.92 -28.87
N ASN B 536 -2.18 61.43 -29.62
CA ASN B 536 -2.21 61.54 -31.10
C ASN B 536 -3.35 60.76 -31.74
N SER B 537 -3.69 59.62 -31.14
CA SER B 537 -4.80 58.79 -31.63
C SER B 537 -6.12 59.56 -31.60
N VAL B 538 -6.48 60.09 -30.44
CA VAL B 538 -7.70 60.91 -30.30
C VAL B 538 -7.62 62.24 -31.08
N ARG B 539 -6.41 62.77 -31.21
CA ARG B 539 -6.16 64.00 -32.00
C ARG B 539 -6.51 63.78 -33.47
N LEU B 540 -5.87 62.78 -34.07
CA LEU B 540 -6.16 62.36 -35.45
C LEU B 540 -7.64 61.93 -35.60
N SER B 541 -8.21 61.33 -34.56
CA SER B 541 -9.65 60.95 -34.55
C SER B 541 -10.57 62.18 -34.67
N ARG B 542 -10.22 63.25 -33.95
CA ARG B 542 -10.95 64.54 -34.03
C ARG B 542 -10.90 65.08 -35.46
N GLN B 543 -9.70 65.10 -36.03
CA GLN B 543 -9.45 65.51 -37.42
C GLN B 543 -10.24 64.68 -38.43
N LEU B 544 -10.26 63.37 -38.22
CA LEU B 544 -10.97 62.44 -39.10
C LEU B 544 -12.49 62.66 -39.06
N ARG B 545 -13.04 62.68 -37.84
CA ARG B 545 -14.47 62.95 -37.63
C ARG B 545 -14.87 64.31 -38.21
N ARG B 546 -13.95 65.28 -38.12
CA ARG B 546 -14.09 66.60 -38.76
C ARG B 546 -14.16 66.51 -40.29
N ILE B 547 -13.34 65.63 -40.86
CA ILE B 547 -13.33 65.41 -42.32
C ILE B 547 -14.59 64.70 -42.83
N LEU B 548 -14.96 63.59 -42.20
CA LEU B 548 -16.09 62.74 -42.68
C LEU B 548 -17.48 63.29 -42.43
N GLN B 549 -17.58 64.38 -41.68
CA GLN B 549 -18.86 64.93 -41.29
C GLN B 549 -18.73 66.44 -41.11
#